data_5YYC
#
_entry.id   5YYC
#
_cell.length_a   97.301
_cell.length_b   97.314
_cell.length_c   112.569
_cell.angle_alpha   90.00
_cell.angle_beta   90.00
_cell.angle_gamma   90.00
#
_symmetry.space_group_name_H-M   'P 21 21 21'
#
loop_
_entity.id
_entity.type
_entity.pdbx_description
1 polymer 'Alanine racemase'
2 non-polymer "PYRIDOXAL-5'-PHOSPHATE"
3 water water
#
_entity_poly.entity_id   1
_entity_poly.type   'polypeptide(L)'
_entity_poly.pdbx_seq_one_letter_code
;MKTSSFRNTYAQISLQALKENAASFKASLQSPACRLMAVVKGDGYGHGAVAAASSALNGGADYLGVAILDEAIELRDAGV
EAPILVLGYTSPHALREAISRNITLTVFSTDVRDALLEVASEAESPIKVHIKTETGMGRVGVQTKEELLDVMTPLYHHNN
IEVEGIFTHFAEADNLQSTYTDEQFARFLSFIEAIEKDDMHVPIKHCCNSAGTLFHKDKHLDMVRVGISLYGLRPDVSLE
FPIELTQAMRLFSSIVSLRKLPEGSSISYGRTHKLSSEKVVATMPIGYADGLSRALSNKGFVTLHGQKAPILGRVCMDQT
MIDVTDIPDAALGDHVEFPIDEMAELTGTINYEIVCAVSKRVPRYYEEN
;
_entity_poly.pdbx_strand_id   A,C
#
loop_
_chem_comp.id
_chem_comp.type
_chem_comp.name
_chem_comp.formula
PLP non-polymer PYRIDOXAL-5'-PHOSPHATE 'C8 H10 N O6 P'
#
# COMPACT_ATOMS: atom_id res chain seq x y z
N MET A 1 13.71 -3.59 -1.62
CA MET A 1 13.28 -2.65 -0.59
C MET A 1 13.94 -1.29 -0.74
N LYS A 2 13.12 -0.25 -0.80
CA LYS A 2 13.66 1.09 -0.82
C LYS A 2 14.29 1.41 0.54
N THR A 3 15.54 1.84 0.53
CA THR A 3 16.27 2.08 1.78
C THR A 3 17.01 3.42 1.79
N SER A 4 16.73 4.27 0.81
CA SER A 4 17.27 5.63 0.82
C SER A 4 16.27 6.55 0.13
N SER A 5 16.37 7.83 0.41
CA SER A 5 15.42 8.79 -0.14
C SER A 5 15.95 10.20 0.05
N PHE A 6 15.52 11.12 -0.81
CA PHE A 6 15.88 12.53 -0.65
C PHE A 6 14.82 13.25 0.18
N ARG A 7 13.76 12.53 0.54
CA ARG A 7 12.63 13.09 1.29
C ARG A 7 12.62 12.55 2.72
N ASN A 8 12.42 13.43 3.71
CA ASN A 8 12.35 12.98 5.10
C ASN A 8 10.97 12.47 5.50
N THR A 9 10.59 11.36 4.88
CA THR A 9 9.44 10.55 5.22
C THR A 9 9.96 9.13 5.22
N TYR A 10 9.84 8.41 6.34
CA TYR A 10 10.57 7.15 6.46
C TYR A 10 10.03 6.27 7.56
N ALA A 11 10.24 4.97 7.42
CA ALA A 11 9.97 4.02 8.50
C ALA A 11 11.27 3.54 9.10
N GLN A 12 11.46 3.82 10.39
CA GLN A 12 12.63 3.35 11.09
C GLN A 12 12.34 1.95 11.65
N ILE A 13 13.18 0.99 11.28
CA ILE A 13 12.99 -0.41 11.69
C ILE A 13 14.11 -0.86 12.61
N SER A 14 13.79 -1.25 13.85
CA SER A 14 14.82 -1.73 14.76
C SER A 14 15.04 -3.23 14.58
N LEU A 15 16.20 -3.60 14.03
CA LEU A 15 16.54 -5.03 13.87
C LEU A 15 16.80 -5.68 15.22
N GLN A 16 17.34 -4.90 16.16
CA GLN A 16 17.58 -5.43 17.49
C GLN A 16 16.24 -5.77 18.15
N ALA A 17 15.22 -4.94 17.92
CA ALA A 17 13.91 -5.25 18.48
C ALA A 17 13.38 -6.58 17.96
N LEU A 18 13.49 -6.78 16.64
CA LEU A 18 13.04 -8.01 16.02
C LEU A 18 13.79 -9.21 16.57
N LYS A 19 15.11 -9.10 16.66
CA LYS A 19 15.91 -10.19 17.20
C LYS A 19 15.52 -10.51 18.64
N GLU A 20 15.42 -9.46 19.46
CA GLU A 20 15.06 -9.65 20.87
C GLU A 20 13.64 -10.17 21.06
N ASN A 21 12.74 -9.76 20.17
CA ASN A 21 11.36 -10.26 20.23
C ASN A 21 11.31 -11.74 19.92
N ALA A 22 12.08 -12.17 18.92
CA ALA A 22 12.15 -13.59 18.61
C ALA A 22 12.72 -14.36 19.81
N ALA A 23 13.78 -13.83 20.41
CA ALA A 23 14.38 -14.49 21.58
C ALA A 23 13.40 -14.55 22.74
N SER A 24 12.65 -13.49 22.94
CA SER A 24 11.66 -13.44 24.02
C SER A 24 10.56 -14.48 23.81
N PHE A 25 10.10 -14.61 22.57
CA PHE A 25 9.10 -15.63 22.25
C PHE A 25 9.65 -17.04 22.43
N LYS A 26 10.87 -17.27 21.94
CA LYS A 26 11.48 -18.59 22.04
C LYS A 26 11.60 -19.04 23.49
N ALA A 27 11.98 -18.10 24.35
CA ALA A 27 12.14 -18.39 25.78
C ALA A 27 10.81 -18.73 26.44
N SER A 28 9.71 -18.28 25.85
CA SER A 28 8.39 -18.39 26.48
C SER A 28 7.68 -19.67 26.14
N LEU A 29 8.24 -20.47 25.23
CA LEU A 29 7.52 -21.62 24.70
C LEU A 29 7.39 -22.70 25.75
N GLN A 30 6.33 -23.49 25.62
CA GLN A 30 5.97 -24.50 26.61
C GLN A 30 7.11 -25.51 26.86
N SER A 31 7.77 -25.93 25.80
CA SER A 31 8.88 -26.88 25.90
C SER A 31 10.03 -26.45 24.98
N PRO A 32 11.27 -26.84 25.33
CA PRO A 32 12.43 -26.49 24.49
C PRO A 32 12.39 -27.17 23.13
N ALA A 33 11.63 -28.25 22.99
CA ALA A 33 11.46 -28.91 21.70
C ALA A 33 10.53 -28.13 20.76
N CYS A 34 9.73 -27.23 21.32
CA CYS A 34 8.78 -26.48 20.51
C CYS A 34 9.50 -25.50 19.58
N ARG A 35 9.17 -25.52 18.30
CA ARG A 35 9.82 -24.66 17.32
C ARG A 35 9.16 -23.29 17.24
N LEU A 36 9.99 -22.26 17.06
CA LEU A 36 9.45 -20.93 16.79
C LEU A 36 9.46 -20.65 15.29
N MET A 37 8.28 -20.56 14.69
CA MET A 37 8.20 -20.08 13.31
C MET A 37 8.01 -18.57 13.31
N ALA A 38 8.88 -17.85 12.63
CA ALA A 38 8.72 -16.41 12.45
C ALA A 38 7.91 -16.19 11.18
N VAL A 39 6.77 -15.53 11.31
CA VAL A 39 5.90 -15.32 10.17
C VAL A 39 6.25 -13.97 9.55
N VAL A 40 6.75 -14.02 8.33
CA VAL A 40 7.25 -12.86 7.62
C VAL A 40 6.55 -12.56 6.28
N LYS A 41 5.32 -13.02 6.17
CA LYS A 41 4.50 -12.69 5.06
C LYS A 41 4.26 -11.20 4.96
N GLY A 42 3.73 -10.77 3.84
CA GLY A 42 3.55 -9.37 3.60
C GLY A 42 4.80 -8.55 3.74
N ASP A 43 5.87 -9.05 3.17
CA ASP A 43 7.14 -8.40 3.23
C ASP A 43 7.52 -8.10 4.66
N GLY A 44 7.46 -9.12 5.49
CA GLY A 44 7.77 -8.92 6.90
C GLY A 44 6.81 -7.93 7.56
N TYR A 45 5.52 -8.05 7.24
CA TYR A 45 4.50 -7.14 7.78
C TYR A 45 4.91 -5.69 7.55
N GLY A 46 5.42 -5.41 6.36
CA GLY A 46 5.83 -4.06 5.99
C GLY A 46 7.19 -3.63 6.54
N HIS A 47 7.87 -4.51 7.28
CA HIS A 47 9.17 -4.16 7.85
C HIS A 47 10.30 -4.53 6.93
N GLY A 48 10.01 -5.39 5.96
CA GLY A 48 11.05 -5.97 5.10
C GLY A 48 11.25 -7.45 5.40
N ALA A 49 10.91 -8.29 4.42
CA ALA A 49 10.93 -9.74 4.62
C ALA A 49 12.32 -10.26 4.97
N VAL A 50 13.32 -9.83 4.22
CA VAL A 50 14.67 -10.36 4.43
C VAL A 50 15.20 -9.89 5.79
N ALA A 51 14.98 -8.61 6.11
CA ALA A 51 15.45 -8.07 7.39
C ALA A 51 14.75 -8.77 8.55
N ALA A 52 13.45 -8.96 8.44
CA ALA A 52 12.70 -9.60 9.52
C ALA A 52 13.11 -11.07 9.69
N ALA A 53 13.24 -11.80 8.58
CA ALA A 53 13.65 -13.19 8.63
C ALA A 53 15.03 -13.34 9.24
N SER A 54 15.97 -12.51 8.77
CA SER A 54 17.36 -12.59 9.25
C SER A 54 17.43 -12.33 10.74
N SER A 55 16.72 -11.29 11.17
CA SER A 55 16.72 -10.90 12.57
C SER A 55 16.09 -11.97 13.45
N ALA A 56 14.97 -12.52 12.99
CA ALA A 56 14.26 -13.53 13.74
C ALA A 56 15.08 -14.79 13.90
N LEU A 57 15.75 -15.23 12.84
CA LEU A 57 16.65 -16.39 12.92
C LEU A 57 17.78 -16.12 13.90
N ASN A 58 18.32 -14.92 13.87
CA ASN A 58 19.41 -14.55 14.78
C ASN A 58 18.95 -14.59 16.23
N GLY A 59 17.65 -14.41 16.42
CA GLY A 59 17.07 -14.42 17.76
C GLY A 59 16.56 -15.79 18.19
N GLY A 60 16.66 -16.79 17.31
CA GLY A 60 16.32 -18.14 17.68
C GLY A 60 15.16 -18.80 16.95
N ALA A 61 14.59 -18.12 15.96
CA ALA A 61 13.53 -18.74 15.16
C ALA A 61 14.07 -19.97 14.44
N ASP A 62 13.21 -20.97 14.27
CA ASP A 62 13.55 -22.26 13.70
C ASP A 62 13.00 -22.45 12.29
N TYR A 63 11.99 -21.67 11.92
CA TYR A 63 11.28 -21.86 10.67
C TYR A 63 10.78 -20.49 10.25
N LEU A 64 10.59 -20.30 8.94
CA LEU A 64 9.96 -19.08 8.46
C LEU A 64 8.62 -19.41 7.82
N GLY A 65 7.65 -18.51 7.97
CA GLY A 65 6.38 -18.66 7.29
C GLY A 65 6.09 -17.49 6.37
N VAL A 66 5.65 -17.81 5.15
CA VAL A 66 5.20 -16.76 4.22
C VAL A 66 3.80 -17.09 3.73
N ALA A 67 3.15 -16.14 3.07
CA ALA A 67 1.80 -16.34 2.56
C ALA A 67 1.75 -17.08 1.22
N ILE A 68 2.68 -16.73 0.34
CA ILE A 68 2.66 -17.23 -1.05
C ILE A 68 4.06 -17.60 -1.52
N LEU A 69 4.13 -18.43 -2.56
CA LEU A 69 5.42 -18.88 -3.09
C LEU A 69 6.35 -17.73 -3.50
N ASP A 70 5.79 -16.64 -4.06
CA ASP A 70 6.60 -15.51 -4.48
C ASP A 70 7.49 -15.05 -3.33
N GLU A 71 6.91 -15.01 -2.14
CA GLU A 71 7.62 -14.51 -0.96
C GLU A 71 8.72 -15.47 -0.54
N ALA A 72 8.46 -16.77 -0.68
CA ALA A 72 9.47 -17.77 -0.37
C ALA A 72 10.65 -17.69 -1.35
N ILE A 73 10.33 -17.49 -2.62
CA ILE A 73 11.38 -17.38 -3.64
C ILE A 73 12.23 -16.13 -3.36
N GLU A 74 11.58 -15.03 -2.98
CA GLU A 74 12.31 -13.82 -2.65
C GLU A 74 13.34 -14.05 -1.54
N LEU A 75 12.93 -14.74 -0.47
CA LEU A 75 13.85 -15.07 0.62
C LEU A 75 15.02 -15.94 0.14
N ARG A 76 14.72 -16.95 -0.66
CA ARG A 76 15.77 -17.82 -1.19
C ARG A 76 16.74 -17.04 -2.09
N ASP A 77 16.20 -16.13 -2.89
CA ASP A 77 17.04 -15.34 -3.78
C ASP A 77 17.96 -14.39 -3.01
N ALA A 78 17.54 -13.98 -1.82
CA ALA A 78 18.35 -13.12 -0.96
C ALA A 78 19.36 -13.92 -0.15
N GLY A 79 19.33 -15.23 -0.30
CA GLY A 79 20.32 -16.10 0.34
C GLY A 79 19.89 -16.69 1.67
N VAL A 80 18.60 -16.57 2.00
CA VAL A 80 18.07 -17.20 3.20
C VAL A 80 17.94 -18.70 2.98
N GLU A 81 18.52 -19.50 3.88
CA GLU A 81 18.58 -20.95 3.69
C GLU A 81 17.74 -21.71 4.70
N ALA A 82 17.14 -20.99 5.64
CA ALA A 82 16.31 -21.59 6.68
C ALA A 82 15.05 -22.23 6.09
N PRO A 83 14.44 -23.18 6.82
CA PRO A 83 13.19 -23.74 6.29
C PRO A 83 12.12 -22.67 6.14
N ILE A 84 11.37 -22.76 5.05
CA ILE A 84 10.29 -21.83 4.75
C ILE A 84 9.02 -22.62 4.43
N LEU A 85 7.93 -22.28 5.10
CA LEU A 85 6.62 -22.86 4.79
C LEU A 85 5.75 -21.81 4.13
N VAL A 86 5.20 -22.13 2.96
CA VAL A 86 4.15 -21.33 2.36
C VAL A 86 2.85 -21.72 3.08
N LEU A 87 2.23 -20.76 3.76
CA LEU A 87 1.06 -21.01 4.62
C LEU A 87 -0.24 -21.09 3.84
N GLY A 88 -0.29 -20.40 2.71
CA GLY A 88 -1.48 -20.37 1.88
C GLY A 88 -1.43 -21.37 0.73
N TYR A 89 -2.26 -21.13 -0.27
CA TYR A 89 -2.35 -22.03 -1.43
C TYR A 89 -1.18 -21.87 -2.40
N THR A 90 -0.70 -22.99 -2.91
CA THR A 90 0.25 -23.02 -4.04
C THR A 90 -0.36 -23.87 -5.13
N SER A 91 -0.44 -23.34 -6.35
CA SER A 91 -1.14 -24.03 -7.42
C SER A 91 -0.28 -25.14 -8.05
N PRO A 92 -0.92 -26.10 -8.74
CA PRO A 92 -0.15 -27.18 -9.35
C PRO A 92 0.99 -26.73 -10.26
N HIS A 93 0.82 -25.63 -11.00
CA HIS A 93 1.84 -25.23 -11.98
C HIS A 93 3.10 -24.69 -11.30
N ALA A 94 3.00 -24.38 -10.02
CA ALA A 94 4.09 -23.74 -9.27
C ALA A 94 4.90 -24.74 -8.45
N LEU A 95 4.46 -26.00 -8.40
CA LEU A 95 5.04 -26.97 -7.48
C LEU A 95 6.50 -27.31 -7.78
N ARG A 96 6.84 -27.49 -9.04
CA ARG A 96 8.22 -27.82 -9.41
C ARG A 96 9.18 -26.71 -9.01
N GLU A 97 8.78 -25.46 -9.24
CA GLU A 97 9.60 -24.31 -8.81
C GLU A 97 9.80 -24.33 -7.28
N ALA A 98 8.72 -24.58 -6.54
CA ALA A 98 8.81 -24.60 -5.09
C ALA A 98 9.76 -25.69 -4.61
N ILE A 99 9.64 -26.89 -5.19
CA ILE A 99 10.44 -28.00 -4.70
C ILE A 99 11.90 -27.80 -5.10
N SER A 100 12.13 -27.11 -6.21
CA SER A 100 13.50 -26.89 -6.65
C SER A 100 14.23 -25.90 -5.74
N ARG A 101 13.48 -25.04 -5.04
CA ARG A 101 14.07 -24.08 -4.11
C ARG A 101 13.91 -24.51 -2.65
N ASN A 102 13.60 -25.77 -2.44
CA ASN A 102 13.49 -26.36 -1.10
C ASN A 102 12.51 -25.62 -0.20
N ILE A 103 11.32 -25.37 -0.76
CA ILE A 103 10.27 -24.66 -0.04
C ILE A 103 9.23 -25.67 0.41
N THR A 104 8.86 -25.60 1.68
CA THR A 104 7.85 -26.48 2.24
C THR A 104 6.47 -25.95 1.85
N LEU A 105 5.57 -26.85 1.44
CA LEU A 105 4.29 -26.44 0.89
C LEU A 105 3.08 -26.86 1.73
N THR A 106 2.12 -25.95 1.85
CA THR A 106 0.83 -26.30 2.43
C THR A 106 -0.05 -26.92 1.35
N VAL A 107 -0.75 -28.00 1.71
CA VAL A 107 -1.63 -28.71 0.81
C VAL A 107 -2.97 -28.91 1.50
N PHE A 108 -4.06 -28.65 0.79
CA PHE A 108 -5.37 -28.98 1.35
C PHE A 108 -6.40 -29.39 0.29
N SER A 109 -5.95 -29.66 -0.93
CA SER A 109 -6.89 -29.97 -2.01
C SER A 109 -6.34 -31.02 -2.97
N THR A 110 -7.24 -31.67 -3.70
CA THR A 110 -6.86 -32.83 -4.51
C THR A 110 -6.12 -32.45 -5.78
N ASP A 111 -6.35 -31.25 -6.31
CA ASP A 111 -5.64 -30.84 -7.52
C ASP A 111 -4.12 -30.81 -7.25
N VAL A 112 -3.76 -30.25 -6.10
CA VAL A 112 -2.37 -30.15 -5.70
C VAL A 112 -1.86 -31.50 -5.23
N ARG A 113 -2.67 -32.23 -4.47
CA ARG A 113 -2.30 -33.61 -4.12
C ARG A 113 -1.90 -34.42 -5.36
N ASP A 114 -2.75 -34.41 -6.38
CA ASP A 114 -2.49 -35.27 -7.52
C ASP A 114 -1.31 -34.82 -8.36
N ALA A 115 -1.11 -33.51 -8.46
CA ALA A 115 0.03 -33.00 -9.19
C ALA A 115 1.32 -33.39 -8.47
N LEU A 116 1.29 -33.23 -7.16
CA LEU A 116 2.43 -33.59 -6.31
C LEU A 116 2.82 -35.06 -6.45
N LEU A 117 1.84 -35.95 -6.53
CA LEU A 117 2.12 -37.37 -6.70
C LEU A 117 2.84 -37.65 -8.01
N GLU A 118 2.53 -36.87 -9.05
CA GLU A 118 3.20 -37.06 -10.34
C GLU A 118 4.60 -36.44 -10.32
N VAL A 119 4.71 -35.29 -9.68
CA VAL A 119 5.97 -34.54 -9.67
C VAL A 119 7.00 -35.18 -8.73
N ALA A 120 6.53 -35.68 -7.60
CA ALA A 120 7.41 -36.25 -6.58
C ALA A 120 8.20 -37.42 -7.14
N SER A 121 7.55 -38.16 -8.03
CA SER A 121 8.17 -39.29 -8.71
C SER A 121 9.38 -38.87 -9.55
N GLU A 122 9.67 -37.57 -9.57
CA GLU A 122 10.75 -37.02 -10.39
C GLU A 122 11.58 -35.94 -9.66
N ALA A 123 11.94 -36.19 -8.41
CA ALA A 123 12.71 -35.20 -7.64
C ALA A 123 13.84 -35.82 -6.83
N GLU A 124 14.83 -35.01 -6.45
CA GLU A 124 16.04 -35.51 -5.80
C GLU A 124 15.80 -35.92 -4.35
N SER A 125 15.66 -34.94 -3.47
CA SER A 125 15.39 -35.22 -2.05
C SER A 125 13.87 -35.17 -1.82
N PRO A 126 13.40 -35.79 -0.72
CA PRO A 126 11.96 -35.76 -0.44
C PRO A 126 11.37 -34.36 -0.36
N ILE A 127 10.18 -34.24 -0.93
CA ILE A 127 9.37 -33.03 -0.88
C ILE A 127 8.69 -32.95 0.48
N LYS A 128 8.69 -31.77 1.09
CA LYS A 128 8.05 -31.58 2.40
C LYS A 128 6.74 -30.82 2.26
N VAL A 129 5.70 -31.35 2.90
CA VAL A 129 4.40 -30.69 2.88
C VAL A 129 3.80 -30.65 4.28
N HIS A 130 2.95 -29.64 4.51
CA HIS A 130 2.11 -29.58 5.70
C HIS A 130 0.66 -29.60 5.21
N ILE A 131 -0.19 -30.33 5.92
CA ILE A 131 -1.60 -30.37 5.57
C ILE A 131 -2.38 -29.37 6.41
N LYS A 132 -3.18 -28.54 5.75
CA LYS A 132 -4.05 -27.56 6.43
C LYS A 132 -5.40 -28.16 6.76
N THR A 133 -5.82 -27.98 8.02
CA THR A 133 -7.14 -28.45 8.42
C THR A 133 -8.02 -27.28 8.83
N GLU A 134 -9.30 -27.40 8.50
CA GLU A 134 -10.33 -26.40 8.86
C GLU A 134 -10.93 -26.70 10.22
N THR A 135 -10.79 -25.79 11.18
CA THR A 135 -11.39 -26.00 12.50
C THR A 135 -12.27 -24.84 12.97
N GLY A 136 -12.50 -23.84 12.12
CA GLY A 136 -13.38 -22.76 12.53
C GLY A 136 -13.03 -21.37 12.03
N MET A 137 -11.89 -21.22 11.38
CA MET A 137 -11.54 -19.93 10.77
C MET A 137 -12.40 -19.68 9.53
N GLY A 138 -12.85 -20.76 8.89
CA GLY A 138 -13.73 -20.66 7.73
C GLY A 138 -12.99 -20.09 6.53
N ARG A 139 -11.74 -20.51 6.36
CA ARG A 139 -10.87 -19.90 5.36
C ARG A 139 -10.39 -20.96 4.34
N VAL A 140 -9.41 -21.76 4.74
CA VAL A 140 -9.00 -22.91 3.94
C VAL A 140 -8.76 -24.12 4.84
N GLY A 141 -8.68 -25.30 4.24
CA GLY A 141 -8.32 -26.51 4.95
C GLY A 141 -9.31 -27.62 4.73
N VAL A 142 -8.85 -28.86 4.86
CA VAL A 142 -9.76 -29.99 4.73
C VAL A 142 -10.78 -29.94 5.87
N GLN A 143 -12.00 -30.43 5.62
CA GLN A 143 -13.11 -30.17 6.53
C GLN A 143 -13.55 -31.34 7.38
N THR A 144 -13.25 -32.55 6.92
CA THR A 144 -13.68 -33.77 7.60
C THR A 144 -12.54 -34.76 7.74
N LYS A 145 -12.69 -35.70 8.66
CA LYS A 145 -11.69 -36.77 8.79
C LYS A 145 -11.51 -37.50 7.46
N GLU A 146 -12.64 -37.77 6.79
CA GLU A 146 -12.61 -38.47 5.51
C GLU A 146 -11.78 -37.69 4.46
N GLU A 147 -12.00 -36.38 4.39
CA GLU A 147 -11.26 -35.57 3.44
C GLU A 147 -9.77 -35.50 3.82
N LEU A 148 -9.49 -35.36 5.11
CA LEU A 148 -8.10 -35.38 5.56
C LEU A 148 -7.41 -36.68 5.14
N LEU A 149 -8.06 -37.80 5.40
CA LEU A 149 -7.49 -39.09 5.03
C LEU A 149 -7.33 -39.21 3.52
N ASP A 150 -8.29 -38.72 2.75
CA ASP A 150 -8.23 -38.81 1.29
C ASP A 150 -7.08 -37.97 0.73
N VAL A 151 -6.87 -36.79 1.30
CA VAL A 151 -5.82 -35.89 0.82
C VAL A 151 -4.46 -36.35 1.28
N MET A 152 -4.34 -36.73 2.55
CA MET A 152 -3.03 -36.96 3.13
C MET A 152 -2.44 -38.34 2.85
N THR A 153 -3.28 -39.37 2.82
CA THR A 153 -2.76 -40.74 2.77
C THR A 153 -1.86 -41.03 1.56
N PRO A 154 -2.27 -40.64 0.34
CA PRO A 154 -1.37 -40.93 -0.79
C PRO A 154 -0.05 -40.17 -0.69
N LEU A 155 -0.09 -38.96 -0.16
CA LEU A 155 1.15 -38.20 0.05
C LEU A 155 2.04 -38.85 1.10
N TYR A 156 1.44 -39.26 2.21
CA TYR A 156 2.18 -39.90 3.30
C TYR A 156 2.94 -41.15 2.83
N HIS A 157 2.33 -41.91 1.93
CA HIS A 157 2.91 -43.18 1.54
C HIS A 157 3.70 -43.12 0.23
N HIS A 158 3.83 -41.92 -0.34
CA HIS A 158 4.72 -41.74 -1.48
C HIS A 158 6.15 -41.74 -0.97
N ASN A 159 7.01 -42.53 -1.59
CA ASN A 159 8.37 -42.70 -1.08
C ASN A 159 9.23 -41.44 -1.14
N ASN A 160 8.80 -40.43 -1.89
CA ASN A 160 9.58 -39.22 -1.99
C ASN A 160 8.83 -37.98 -1.50
N ILE A 161 7.85 -38.18 -0.61
CA ILE A 161 7.15 -37.07 0.02
C ILE A 161 7.15 -37.26 1.54
N GLU A 162 7.48 -36.20 2.27
CA GLU A 162 7.35 -36.21 3.72
C GLU A 162 6.19 -35.32 4.14
N VAL A 163 5.22 -35.89 4.83
CA VAL A 163 4.20 -35.05 5.45
C VAL A 163 4.78 -34.60 6.78
N GLU A 164 5.47 -33.46 6.73
CA GLU A 164 6.22 -32.96 7.88
C GLU A 164 5.29 -32.35 8.91
N GLY A 165 4.18 -31.79 8.44
CA GLY A 165 3.35 -30.98 9.32
C GLY A 165 1.86 -31.13 9.11
N ILE A 166 1.11 -30.76 10.14
CA ILE A 166 -0.34 -30.64 10.03
C ILE A 166 -0.75 -29.46 10.91
N PHE A 167 -1.63 -28.60 10.41
CA PHE A 167 -1.94 -27.42 11.21
C PHE A 167 -3.34 -26.89 11.02
N THR A 168 -3.69 -25.98 11.88
CA THR A 168 -4.90 -25.21 11.77
C THR A 168 -4.63 -23.76 12.21
N HIS A 169 -5.65 -22.93 12.11
CA HIS A 169 -5.53 -21.52 12.42
C HIS A 169 -6.73 -21.03 13.21
N PHE A 170 -6.47 -20.21 14.21
CA PHE A 170 -7.47 -19.69 15.11
C PHE A 170 -8.15 -18.39 14.71
N ALA A 171 -9.47 -18.34 14.84
CA ALA A 171 -10.21 -17.12 14.49
C ALA A 171 -10.21 -16.03 15.57
N GLU A 172 -10.09 -16.41 16.83
CA GLU A 172 -10.14 -15.39 17.90
C GLU A 172 -9.42 -15.84 19.16
N ALA A 173 -8.17 -16.26 18.99
CA ALA A 173 -7.35 -16.62 20.14
C ALA A 173 -7.03 -15.40 21.01
N ASP A 174 -7.28 -14.21 20.48
CA ASP A 174 -7.06 -12.97 21.23
C ASP A 174 -8.28 -12.60 22.09
N ASN A 175 -9.36 -13.35 21.92
CA ASN A 175 -10.55 -13.16 22.74
C ASN A 175 -10.52 -14.11 23.91
N LEU A 176 -10.10 -13.61 25.07
CA LEU A 176 -9.83 -14.48 26.20
C LEU A 176 -11.10 -14.86 26.96
N GLN A 177 -12.25 -14.35 26.52
CA GLN A 177 -13.53 -14.70 27.13
C GLN A 177 -14.28 -15.75 26.31
N SER A 178 -13.69 -16.15 25.19
CA SER A 178 -14.33 -17.06 24.26
C SER A 178 -13.88 -18.51 24.48
N THR A 179 -14.80 -19.45 24.26
CA THR A 179 -14.46 -20.88 24.24
C THR A 179 -14.01 -21.35 22.87
N TYR A 180 -14.04 -20.46 21.88
CA TYR A 180 -13.88 -20.90 20.48
C TYR A 180 -12.50 -21.48 20.22
N THR A 181 -11.48 -20.91 20.85
CA THR A 181 -10.12 -21.39 20.63
C THR A 181 -9.98 -22.82 21.17
N ASP A 182 -10.54 -23.08 22.34
CA ASP A 182 -10.52 -24.44 22.88
C ASP A 182 -11.34 -25.40 21.99
N GLU A 183 -12.45 -24.91 21.45
CA GLU A 183 -13.26 -25.73 20.52
C GLU A 183 -12.47 -26.06 19.25
N GLN A 184 -11.80 -25.07 18.68
CA GLN A 184 -10.97 -25.31 17.49
C GLN A 184 -9.85 -26.30 17.79
N PHE A 185 -9.22 -26.13 18.95
CA PHE A 185 -8.13 -27.02 19.36
C PHE A 185 -8.63 -28.46 19.47
N ALA A 186 -9.80 -28.65 20.06
CA ALA A 186 -10.38 -29.99 20.16
C ALA A 186 -10.64 -30.59 18.78
N ARG A 187 -11.13 -29.79 17.85
CA ARG A 187 -11.36 -30.30 16.50
C ARG A 187 -10.04 -30.62 15.83
N PHE A 188 -9.01 -29.81 16.09
CA PHE A 188 -7.69 -30.08 15.53
C PHE A 188 -7.16 -31.43 16.04
N LEU A 189 -7.26 -31.66 17.35
CA LEU A 189 -6.81 -32.93 17.91
C LEU A 189 -7.64 -34.10 17.39
N SER A 190 -8.90 -33.84 17.08
CA SER A 190 -9.77 -34.86 16.50
C SER A 190 -9.29 -35.28 15.09
N PHE A 191 -8.89 -34.31 14.27
CA PHE A 191 -8.23 -34.63 13.01
C PHE A 191 -6.99 -35.49 13.23
N ILE A 192 -6.16 -35.07 14.18
CA ILE A 192 -4.90 -35.77 14.45
C ILE A 192 -5.16 -37.21 14.91
N GLU A 193 -6.16 -37.39 15.77
CA GLU A 193 -6.52 -38.73 16.21
C GLU A 193 -6.87 -39.62 15.01
N ALA A 194 -7.52 -39.04 14.00
CA ALA A 194 -7.93 -39.83 12.84
C ALA A 194 -6.72 -40.32 12.05
N ILE A 195 -5.71 -39.47 11.87
CA ILE A 195 -4.57 -39.93 11.09
C ILE A 195 -3.69 -40.88 11.90
N GLU A 196 -3.68 -40.71 13.22
CA GLU A 196 -2.84 -41.60 14.03
C GLU A 196 -3.49 -42.98 14.19
N LYS A 197 -4.82 -43.06 14.10
CA LYS A 197 -5.47 -44.37 14.06
C LYS A 197 -5.12 -45.15 12.78
N ASP A 198 -4.75 -44.41 11.74
CA ASP A 198 -4.27 -45.00 10.50
C ASP A 198 -2.76 -45.08 10.47
N ASP A 199 -2.16 -44.96 11.66
CA ASP A 199 -0.70 -45.08 11.84
C ASP A 199 0.11 -44.10 11.02
N MET A 200 -0.40 -42.88 10.85
CA MET A 200 0.39 -41.84 10.20
C MET A 200 0.88 -40.85 11.25
N HIS A 201 2.19 -40.79 11.40
CA HIS A 201 2.81 -39.91 12.39
C HIS A 201 3.38 -38.68 11.72
N VAL A 202 2.95 -37.51 12.21
CA VAL A 202 3.41 -36.25 11.68
C VAL A 202 4.21 -35.52 12.74
N PRO A 203 5.46 -35.16 12.41
CA PRO A 203 6.36 -34.62 13.45
C PRO A 203 6.09 -33.17 13.86
N ILE A 204 5.44 -32.36 13.04
CA ILE A 204 5.18 -30.98 13.47
C ILE A 204 3.69 -30.65 13.43
N LYS A 205 3.04 -30.78 14.58
CA LYS A 205 1.65 -30.36 14.74
C LYS A 205 1.64 -28.94 15.25
N HIS A 206 0.90 -28.02 14.61
CA HIS A 206 0.92 -26.64 15.07
C HIS A 206 -0.39 -25.90 14.83
N CYS A 207 -0.70 -24.94 15.70
CA CYS A 207 -1.95 -24.20 15.59
C CYS A 207 -1.89 -22.74 16.04
N CYS A 208 -0.91 -22.35 16.85
CA CYS A 208 -0.88 -21.00 17.45
C CYS A 208 -0.33 -19.91 16.56
N ASN A 209 -1.04 -18.78 16.54
CA ASN A 209 -0.57 -17.50 16.02
C ASN A 209 0.01 -16.69 17.18
N SER A 210 0.22 -15.38 17.03
CA SER A 210 0.75 -14.59 18.16
C SER A 210 -0.12 -14.72 19.41
N ALA A 211 -1.42 -14.53 19.25
CA ALA A 211 -2.33 -14.58 20.39
C ALA A 211 -2.35 -15.97 21.03
N GLY A 212 -2.37 -17.01 20.20
CA GLY A 212 -2.33 -18.36 20.74
C GLY A 212 -1.04 -18.61 21.50
N THR A 213 0.07 -18.12 20.94
CA THR A 213 1.37 -18.33 21.55
C THR A 213 1.45 -17.63 22.90
N LEU A 214 0.93 -16.41 22.97
CA LEU A 214 1.00 -15.62 24.20
C LEU A 214 0.06 -16.10 25.30
N PHE A 215 -1.14 -16.52 24.92
CA PHE A 215 -2.21 -16.70 25.90
C PHE A 215 -2.74 -18.13 25.98
N HIS A 216 -2.26 -19.00 25.12
CA HIS A 216 -2.69 -20.40 25.13
C HIS A 216 -1.49 -21.35 25.12
N LYS A 217 -0.68 -21.31 26.19
CA LYS A 217 0.54 -22.10 26.19
C LYS A 217 0.28 -23.59 26.14
N ASP A 218 -0.91 -24.00 26.57
CA ASP A 218 -1.29 -25.41 26.48
C ASP A 218 -1.41 -25.89 25.02
N LYS A 219 -1.43 -24.95 24.08
CA LYS A 219 -1.64 -25.31 22.68
C LYS A 219 -0.39 -25.12 21.80
N HIS A 220 0.76 -24.92 22.44
CA HIS A 220 2.00 -24.70 21.69
C HIS A 220 2.39 -25.90 20.82
N LEU A 221 2.08 -27.11 21.27
CA LEU A 221 2.40 -28.33 20.51
C LEU A 221 3.86 -28.32 19.99
N ASP A 222 4.05 -28.61 18.71
CA ASP A 222 5.41 -28.77 18.17
C ASP A 222 5.99 -27.49 17.59
N MET A 223 5.14 -26.51 17.32
CA MET A 223 5.58 -25.27 16.68
C MET A 223 4.52 -24.19 16.87
N VAL A 224 4.97 -22.95 17.04
CA VAL A 224 4.07 -21.80 17.07
C VAL A 224 4.43 -20.86 15.91
N ARG A 225 3.45 -20.12 15.41
CA ARG A 225 3.63 -19.27 14.22
C ARG A 225 3.40 -17.82 14.62
N VAL A 226 4.48 -17.13 14.95
CA VAL A 226 4.38 -15.77 15.48
C VAL A 226 4.59 -14.73 14.39
N GLY A 227 3.54 -13.94 14.12
CA GLY A 227 3.58 -12.87 13.15
C GLY A 227 3.58 -11.51 13.84
N ILE A 228 2.40 -10.94 14.06
CA ILE A 228 2.29 -9.53 14.48
C ILE A 228 3.15 -9.18 15.71
N SER A 229 3.24 -10.09 16.69
CA SER A 229 3.96 -9.75 17.92
C SER A 229 5.48 -9.97 17.79
N LEU A 230 5.91 -10.63 16.73
CA LEU A 230 7.33 -10.63 16.38
C LEU A 230 7.80 -9.19 16.15
N TYR A 231 6.89 -8.36 15.64
CA TYR A 231 7.17 -6.95 15.35
C TYR A 231 6.87 -6.06 16.56
N GLY A 232 6.57 -6.69 17.69
CA GLY A 232 6.25 -5.97 18.91
C GLY A 232 4.92 -5.26 18.88
N LEU A 233 4.01 -5.73 18.03
CA LEU A 233 2.66 -5.18 17.95
C LEU A 233 1.65 -6.17 18.54
N ARG A 234 0.66 -5.65 19.24
CA ARG A 234 -0.34 -6.48 19.91
C ARG A 234 -1.38 -7.03 18.92
N PRO A 235 -1.76 -8.30 19.09
CA PRO A 235 -2.83 -8.90 18.27
C PRO A 235 -4.12 -8.10 18.38
N ASP A 236 -4.39 -7.59 19.56
CA ASP A 236 -5.51 -6.69 19.79
C ASP A 236 -5.08 -5.68 20.85
N VAL A 237 -5.37 -4.40 20.61
CA VAL A 237 -4.87 -3.36 21.50
C VAL A 237 -5.48 -3.42 22.90
N SER A 238 -6.51 -4.24 23.11
CA SER A 238 -7.07 -4.39 24.45
C SER A 238 -6.18 -5.27 25.33
N LEU A 239 -5.28 -6.02 24.70
CA LEU A 239 -4.42 -6.96 25.42
C LEU A 239 -3.15 -6.28 25.92
N GLU A 240 -2.60 -6.83 27.00
CA GLU A 240 -1.28 -6.45 27.48
C GLU A 240 -0.34 -7.63 27.27
N PHE A 241 0.87 -7.35 26.77
CA PHE A 241 1.86 -8.40 26.54
C PHE A 241 2.28 -9.06 27.85
N PRO A 242 2.28 -10.41 27.90
CA PRO A 242 2.74 -11.11 29.09
C PRO A 242 4.25 -11.41 29.05
N ILE A 243 4.89 -11.12 27.92
CA ILE A 243 6.35 -11.21 27.82
C ILE A 243 6.93 -9.89 27.33
N GLU A 244 8.25 -9.74 27.44
CA GLU A 244 8.92 -8.50 27.08
C GLU A 244 9.09 -8.37 25.58
N LEU A 245 8.49 -7.33 24.99
CA LEU A 245 8.53 -7.13 23.54
C LEU A 245 8.66 -5.65 23.23
N THR A 246 9.25 -5.35 22.07
CA THR A 246 9.48 -3.95 21.68
C THR A 246 8.97 -3.71 20.26
N GLN A 247 8.17 -2.66 20.08
CA GLN A 247 7.67 -2.31 18.74
C GLN A 247 8.82 -1.95 17.82
N ALA A 248 8.89 -2.62 16.68
CA ALA A 248 10.04 -2.52 15.81
C ALA A 248 9.97 -1.39 14.80
N MET A 249 8.77 -1.02 14.38
CA MET A 249 8.59 0.03 13.36
C MET A 249 8.14 1.34 13.99
N ARG A 250 8.76 2.43 13.58
CA ARG A 250 8.25 3.77 13.89
C ARG A 250 8.21 4.56 12.59
N LEU A 251 7.10 5.27 12.38
CA LEU A 251 6.85 5.99 11.12
C LEU A 251 6.98 7.50 11.30
N PHE A 252 7.77 8.14 10.46
CA PHE A 252 8.06 9.57 10.61
C PHE A 252 7.84 10.33 9.32
N SER A 253 7.47 11.61 9.46
CA SER A 253 7.60 12.53 8.34
C SER A 253 8.21 13.82 8.90
N SER A 254 8.00 14.92 8.20
CA SER A 254 8.66 16.16 8.59
C SER A 254 7.88 17.35 8.09
N ILE A 255 8.22 18.54 8.59
CA ILE A 255 7.57 19.76 8.15
C ILE A 255 8.36 20.36 6.97
N VAL A 256 7.71 20.51 5.81
CA VAL A 256 8.38 21.12 4.66
C VAL A 256 7.78 22.49 4.32
N SER A 257 6.75 22.88 5.05
CA SER A 257 6.17 24.20 4.91
C SER A 257 5.48 24.59 6.19
N LEU A 258 5.69 25.82 6.64
CA LEU A 258 5.10 26.32 7.88
C LEU A 258 4.56 27.73 7.64
N ARG A 259 3.25 27.89 7.72
CA ARG A 259 2.63 29.13 7.26
C ARG A 259 1.51 29.52 8.19
N LYS A 260 1.28 30.83 8.35
CA LYS A 260 0.10 31.26 9.07
C LYS A 260 -1.00 31.51 8.05
N LEU A 261 -2.18 30.96 8.33
CA LEU A 261 -3.32 31.14 7.46
C LEU A 261 -4.45 31.79 8.25
N PRO A 262 -5.19 32.72 7.62
CA PRO A 262 -6.24 33.46 8.34
C PRO A 262 -7.51 32.66 8.61
N GLU A 263 -8.27 33.11 9.59
CA GLU A 263 -9.59 32.56 9.88
C GLU A 263 -10.41 32.47 8.59
N GLY A 264 -11.16 31.40 8.44
CA GLY A 264 -11.97 31.22 7.25
C GLY A 264 -11.27 30.51 6.09
N SER A 265 -9.94 30.44 6.12
CA SER A 265 -9.19 29.68 5.11
C SER A 265 -9.61 28.24 5.10
N SER A 266 -9.77 27.65 3.91
CA SER A 266 -10.07 26.23 3.86
C SER A 266 -8.80 25.45 3.56
N ILE A 267 -8.75 24.22 4.06
CA ILE A 267 -7.56 23.39 3.93
C ILE A 267 -7.88 22.17 3.10
N SER A 268 -7.14 22.02 2.00
CA SER A 268 -7.11 20.83 1.15
C SER A 268 -8.38 20.59 0.34
N TYR A 269 -8.44 19.44 -0.31
CA TYR A 269 -9.49 19.16 -1.30
C TYR A 269 -10.89 19.24 -0.72
N GLY A 270 -11.83 19.78 -1.49
CA GLY A 270 -13.22 19.84 -1.08
C GLY A 270 -13.49 20.83 0.03
N ARG A 271 -12.46 21.58 0.45
CA ARG A 271 -12.60 22.57 1.52
C ARG A 271 -13.26 22.01 2.77
N THR A 272 -12.88 20.80 3.17
CA THR A 272 -13.63 20.09 4.21
C THR A 272 -13.31 20.63 5.59
N HIS A 273 -12.26 21.43 5.70
CA HIS A 273 -11.94 22.09 6.95
C HIS A 273 -11.71 23.58 6.73
N LYS A 274 -12.38 24.40 7.54
CA LYS A 274 -12.16 25.84 7.49
C LYS A 274 -11.67 26.32 8.85
N LEU A 275 -10.61 27.13 8.85
CA LEU A 275 -9.99 27.55 10.11
C LEU A 275 -10.95 28.44 10.93
N SER A 276 -11.08 28.12 12.21
CA SER A 276 -11.99 28.86 13.09
C SER A 276 -11.31 30.11 13.64
N SER A 277 -10.00 30.19 13.43
CA SER A 277 -9.23 31.39 13.76
C SER A 277 -7.91 31.31 13.01
N GLU A 278 -7.06 32.32 13.17
CA GLU A 278 -5.76 32.29 12.51
C GLU A 278 -4.99 31.09 13.07
N LYS A 279 -4.43 30.27 12.18
CA LYS A 279 -3.70 29.07 12.61
C LYS A 279 -2.34 28.99 11.96
N VAL A 280 -1.42 28.30 12.64
CA VAL A 280 -0.14 27.98 12.03
C VAL A 280 -0.27 26.56 11.48
N VAL A 281 -0.22 26.45 10.16
CA VAL A 281 -0.43 25.19 9.47
C VAL A 281 0.87 24.68 8.91
N ALA A 282 1.22 23.45 9.28
CA ALA A 282 2.41 22.80 8.75
C ALA A 282 2.02 21.78 7.69
N THR A 283 2.83 21.70 6.63
CA THR A 283 2.56 20.72 5.57
C THR A 283 3.68 19.69 5.60
N MET A 284 3.29 18.42 5.52
CA MET A 284 4.21 17.29 5.54
C MET A 284 4.26 16.62 4.18
N PRO A 285 5.45 16.12 3.78
CA PRO A 285 5.56 15.40 2.51
C PRO A 285 5.21 13.91 2.70
N ILE A 286 3.95 13.66 3.04
CA ILE A 286 3.45 12.30 3.18
C ILE A 286 1.96 12.33 2.88
N GLY A 287 1.49 11.28 2.20
CA GLY A 287 0.06 11.20 1.90
C GLY A 287 -0.32 9.75 1.64
N TYR A 288 -1.49 9.52 1.04
CA TYR A 288 -1.98 8.15 0.99
C TYR A 288 -1.24 7.28 -0.03
N ALA A 289 -0.46 7.89 -0.93
CA ALA A 289 0.41 7.07 -1.79
C ALA A 289 1.63 6.56 -1.03
N ASP A 290 1.84 7.06 0.19
CA ASP A 290 2.83 6.50 1.09
C ASP A 290 2.19 5.51 2.06
N GLY A 291 0.88 5.34 1.95
CA GLY A 291 0.17 4.43 2.82
C GLY A 291 -0.41 5.10 4.04
N LEU A 292 -0.33 6.42 4.12
CA LEU A 292 -1.02 7.13 5.19
C LEU A 292 -2.51 7.14 4.87
N SER A 293 -3.31 6.47 5.70
CA SER A 293 -4.73 6.27 5.36
C SER A 293 -5.48 7.59 5.14
N ARG A 294 -6.18 7.71 4.02
CA ARG A 294 -7.00 8.92 3.80
C ARG A 294 -8.14 9.02 4.84
N ALA A 295 -8.49 7.91 5.48
CA ALA A 295 -9.51 7.95 6.52
C ALA A 295 -9.05 8.75 7.74
N LEU A 296 -7.76 9.08 7.80
CA LEU A 296 -7.26 9.96 8.87
C LEU A 296 -7.58 11.43 8.59
N SER A 297 -8.12 11.72 7.39
CA SER A 297 -8.56 13.09 7.07
C SER A 297 -9.43 13.68 8.18
N ASN A 298 -9.07 14.87 8.64
CA ASN A 298 -9.79 15.56 9.70
C ASN A 298 -9.95 14.79 10.99
N LYS A 299 -9.13 13.77 11.22
CA LYS A 299 -9.28 13.07 12.50
C LYS A 299 -7.99 12.51 13.12
N GLY A 300 -6.99 12.20 12.30
CA GLY A 300 -5.73 11.73 12.85
C GLY A 300 -4.84 12.84 13.40
N PHE A 301 -3.69 12.43 13.92
CA PHE A 301 -2.73 13.38 14.47
C PHE A 301 -1.32 12.83 14.35
N VAL A 302 -0.35 13.72 14.47
CA VAL A 302 1.04 13.32 14.61
C VAL A 302 1.56 13.86 15.93
N THR A 303 2.73 13.40 16.34
CA THR A 303 3.31 13.96 17.56
C THR A 303 4.58 14.73 17.24
N LEU A 304 4.77 15.84 17.94
CA LEU A 304 6.02 16.58 17.86
C LEU A 304 6.11 17.47 19.09
N HIS A 305 7.33 17.65 19.57
CA HIS A 305 7.60 18.45 20.78
C HIS A 305 6.70 18.04 21.94
N GLY A 306 6.39 16.75 22.04
CA GLY A 306 5.64 16.22 23.17
C GLY A 306 4.15 16.52 23.11
N GLN A 307 3.69 16.99 21.96
CA GLN A 307 2.28 17.34 21.79
C GLN A 307 1.68 16.66 20.57
N LYS A 308 0.35 16.62 20.52
CA LYS A 308 -0.36 16.11 19.35
C LYS A 308 -0.75 17.25 18.44
N ALA A 309 -0.49 17.09 17.14
CA ALA A 309 -0.90 18.05 16.14
C ALA A 309 -1.93 17.39 15.22
N PRO A 310 -3.17 17.89 15.23
CA PRO A 310 -4.20 17.22 14.43
C PRO A 310 -4.09 17.50 12.93
N ILE A 311 -4.42 16.48 12.14
CA ILE A 311 -4.51 16.61 10.70
C ILE A 311 -5.70 17.50 10.33
N LEU A 312 -5.45 18.46 9.45
CA LEU A 312 -6.48 19.39 8.95
C LEU A 312 -6.92 19.03 7.54
N GLY A 313 -8.22 18.83 7.35
CA GLY A 313 -8.75 18.58 6.03
C GLY A 313 -8.31 17.24 5.49
N ARG A 314 -8.37 17.10 4.17
CA ARG A 314 -8.12 15.82 3.56
C ARG A 314 -6.63 15.55 3.37
N VAL A 315 -6.25 14.32 3.70
CA VAL A 315 -4.96 13.75 3.32
C VAL A 315 -4.90 13.68 1.80
N CYS A 316 -3.83 14.22 1.20
CA CYS A 316 -3.68 14.14 -0.26
C CYS A 316 -2.81 12.95 -0.62
N MET A 317 -2.58 12.77 -1.92
CA MET A 317 -1.73 11.66 -2.33
C MET A 317 -0.33 11.73 -1.72
N ASP A 318 0.25 12.94 -1.60
CA ASP A 318 1.66 13.07 -1.21
C ASP A 318 1.89 14.08 -0.09
N GLN A 319 0.83 14.76 0.32
CA GLN A 319 0.96 15.86 1.28
C GLN A 319 -0.18 15.83 2.27
N THR A 320 0.11 16.20 3.51
CA THR A 320 -0.88 16.25 4.58
C THR A 320 -0.59 17.47 5.45
N MET A 321 -1.66 18.18 5.84
CA MET A 321 -1.52 19.37 6.67
C MET A 321 -1.89 19.12 8.12
N ILE A 322 -1.15 19.75 9.05
CA ILE A 322 -1.45 19.64 10.48
C ILE A 322 -1.49 21.00 11.14
N ASP A 323 -2.22 21.08 12.25
CA ASP A 323 -2.35 22.32 13.02
C ASP A 323 -1.29 22.36 14.13
N VAL A 324 -0.31 23.26 14.01
CA VAL A 324 0.70 23.37 15.06
C VAL A 324 0.60 24.68 15.84
N THR A 325 -0.56 25.33 15.76
CA THR A 325 -0.79 26.59 16.47
C THR A 325 -0.47 26.52 17.97
N ASP A 326 -0.78 25.38 18.61
CA ASP A 326 -0.53 25.26 20.04
C ASP A 326 0.85 24.67 20.35
N ILE A 327 1.70 24.59 19.33
CA ILE A 327 3.05 24.05 19.48
C ILE A 327 4.01 25.13 19.01
N PRO A 328 4.30 26.11 19.89
CA PRO A 328 4.97 27.34 19.47
C PRO A 328 6.37 27.10 18.91
N ASP A 329 7.04 26.02 19.30
CA ASP A 329 8.38 25.77 18.79
C ASP A 329 8.45 24.92 17.53
N ALA A 330 7.30 24.59 16.95
CA ALA A 330 7.28 23.95 15.64
C ALA A 330 8.04 24.79 14.64
N ALA A 331 8.87 24.14 13.82
CA ALA A 331 9.69 24.83 12.85
C ALA A 331 9.81 24.02 11.56
N LEU A 332 10.02 24.71 10.45
CA LEU A 332 10.43 24.06 9.22
C LEU A 332 11.54 23.04 9.53
N GLY A 333 11.38 21.82 9.05
CA GLY A 333 12.42 20.80 9.22
C GLY A 333 12.18 19.85 10.39
N ASP A 334 11.23 20.17 11.26
CA ASP A 334 10.94 19.28 12.41
C ASP A 334 10.48 17.91 11.93
N HIS A 335 11.00 16.85 12.54
CA HIS A 335 10.45 15.53 12.23
C HIS A 335 9.31 15.23 13.18
N VAL A 336 8.32 14.50 12.68
CA VAL A 336 7.10 14.22 13.44
C VAL A 336 6.83 12.72 13.37
N GLU A 337 6.14 12.19 14.36
CA GLU A 337 5.90 10.74 14.40
C GLU A 337 4.41 10.41 14.28
N PHE A 338 4.12 9.30 13.59
CA PHE A 338 2.76 8.81 13.42
C PHE A 338 2.56 7.60 14.33
N PRO A 339 1.54 7.66 15.22
CA PRO A 339 1.29 6.54 16.14
C PRO A 339 0.55 5.41 15.46
N ILE A 340 1.18 4.23 15.38
CA ILE A 340 0.64 3.15 14.56
C ILE A 340 -0.68 2.58 15.11
N ASP A 341 -0.72 2.19 16.39
CA ASP A 341 -1.96 1.67 16.95
C ASP A 341 -3.09 2.71 16.94
N GLU A 342 -2.75 3.96 17.24
CA GLU A 342 -3.78 5.00 17.23
C GLU A 342 -4.33 5.26 15.82
N MET A 343 -3.47 5.22 14.80
CA MET A 343 -3.97 5.35 13.42
C MET A 343 -4.96 4.22 13.10
N ALA A 344 -4.68 3.01 13.58
CA ALA A 344 -5.60 1.89 13.37
C ALA A 344 -6.95 2.16 14.05
N GLU A 345 -6.90 2.54 15.33
CA GLU A 345 -8.11 2.81 16.11
C GLU A 345 -8.97 3.90 15.49
N LEU A 346 -8.32 4.99 15.06
CA LEU A 346 -9.05 6.12 14.51
C LEU A 346 -9.71 5.82 13.16
N THR A 347 -9.19 4.85 12.43
CA THR A 347 -9.75 4.54 11.12
C THR A 347 -10.50 3.22 11.10
N GLY A 348 -10.70 2.64 12.28
CA GLY A 348 -11.52 1.45 12.41
C GLY A 348 -10.86 0.21 11.84
N THR A 349 -9.52 0.14 11.94
CA THR A 349 -8.82 -1.04 11.45
C THR A 349 -7.85 -1.54 12.51
N ILE A 350 -6.85 -2.30 12.08
CA ILE A 350 -5.92 -2.94 13.02
C ILE A 350 -4.48 -2.61 12.64
N ASN A 351 -3.58 -2.69 13.61
CA ASN A 351 -2.18 -2.32 13.33
C ASN A 351 -1.58 -3.13 12.17
N TYR A 352 -2.00 -4.40 12.02
CA TYR A 352 -1.57 -5.22 10.89
C TYR A 352 -1.68 -4.47 9.56
N GLU A 353 -2.87 -3.91 9.31
CA GLU A 353 -3.09 -3.23 8.03
C GLU A 353 -2.27 -1.97 7.93
N ILE A 354 -2.21 -1.22 9.02
CA ILE A 354 -1.46 0.04 9.04
C ILE A 354 -0.01 -0.19 8.62
N VAL A 355 0.65 -1.21 9.18
CA VAL A 355 2.06 -1.38 8.87
C VAL A 355 2.27 -1.99 7.48
N CYS A 356 1.38 -2.87 7.03
CA CYS A 356 1.48 -3.40 5.67
C CYS A 356 1.25 -2.32 4.61
N ALA A 357 0.42 -1.34 4.95
CA ALA A 357 0.04 -0.30 3.98
C ALA A 357 1.16 0.71 3.72
N VAL A 358 2.16 0.78 4.59
CA VAL A 358 3.29 1.70 4.34
C VAL A 358 3.91 1.32 3.01
N SER A 359 3.85 2.23 2.04
CA SER A 359 4.00 1.83 0.63
C SER A 359 5.46 1.72 0.19
N LYS A 360 5.69 1.29 -1.04
CA LYS A 360 7.05 1.12 -1.50
C LYS A 360 7.76 2.45 -1.69
N ARG A 361 7.02 3.56 -1.65
CA ARG A 361 7.65 4.88 -1.77
C ARG A 361 8.35 5.30 -0.47
N VAL A 362 8.02 4.64 0.63
CA VAL A 362 8.62 4.99 1.92
C VAL A 362 9.84 4.12 2.18
N PRO A 363 11.01 4.76 2.33
CA PRO A 363 12.23 4.00 2.63
C PRO A 363 12.15 3.37 4.01
N ARG A 364 12.72 2.18 4.16
CA ARG A 364 12.95 1.60 5.49
C ARG A 364 14.40 1.82 5.88
N TYR A 365 14.60 2.41 7.05
CA TYR A 365 15.93 2.66 7.59
C TYR A 365 16.19 1.66 8.71
N TYR A 366 17.14 0.77 8.50
CA TYR A 366 17.42 -0.27 9.50
C TYR A 366 18.51 0.27 10.42
N GLU A 367 18.13 0.65 11.63
CA GLU A 367 18.99 1.51 12.43
C GLU A 367 19.94 0.74 13.35
N GLU A 368 20.44 -0.38 12.85
CA GLU A 368 21.34 -1.25 13.60
C GLU A 368 21.96 -2.32 12.70
N MET B 1 9.26 -2.72 -10.51
CA MET B 1 7.87 -3.15 -10.57
C MET B 1 7.75 -4.66 -10.71
N LYS B 2 6.97 -5.25 -9.83
CA LYS B 2 6.69 -6.68 -9.95
C LYS B 2 5.78 -6.93 -11.15
N THR B 3 6.21 -7.82 -12.04
CA THR B 3 5.49 -8.07 -13.28
C THR B 3 5.30 -9.55 -13.57
N SER B 4 5.59 -10.41 -12.59
CA SER B 4 5.29 -11.83 -12.73
C SER B 4 4.99 -12.40 -11.35
N SER B 5 4.29 -13.52 -11.32
CA SER B 5 3.87 -14.11 -10.06
C SER B 5 3.40 -15.55 -10.28
N PHE B 6 3.49 -16.37 -9.24
CA PHE B 6 2.95 -17.72 -9.31
C PHE B 6 1.51 -17.77 -8.80
N ARG B 7 1.01 -16.62 -8.34
CA ARG B 7 -0.34 -16.50 -7.77
C ARG B 7 -1.23 -15.69 -8.73
N ASN B 8 -2.46 -16.16 -8.97
CA ASN B 8 -3.39 -15.44 -9.84
C ASN B 8 -4.15 -14.36 -9.10
N THR B 9 -3.39 -13.35 -8.68
CA THR B 9 -3.88 -12.08 -8.17
C THR B 9 -3.04 -11.04 -8.88
N TYR B 10 -3.66 -10.12 -9.60
CA TYR B 10 -2.90 -9.27 -10.51
C TYR B 10 -3.67 -8.02 -10.91
N ALA B 11 -2.92 -6.98 -11.29
CA ALA B 11 -3.51 -5.79 -11.90
C ALA B 11 -3.15 -5.78 -13.36
N GLN B 12 -4.18 -5.82 -14.21
CA GLN B 12 -4.01 -5.73 -15.64
C GLN B 12 -3.99 -4.26 -16.03
N ILE B 13 -2.92 -3.84 -16.69
CA ILE B 13 -2.77 -2.43 -17.09
C ILE B 13 -2.76 -2.30 -18.60
N SER B 14 -3.72 -1.56 -19.17
CA SER B 14 -3.75 -1.34 -20.62
C SER B 14 -2.90 -0.14 -21.01
N LEU B 15 -1.75 -0.39 -21.62
CA LEU B 15 -0.89 0.68 -22.12
C LEU B 15 -1.57 1.43 -23.26
N GLN B 16 -2.35 0.72 -24.06
CA GLN B 16 -3.07 1.37 -25.14
C GLN B 16 -4.08 2.37 -24.59
N ALA B 17 -4.73 2.04 -23.48
CA ALA B 17 -5.67 2.98 -22.87
C ALA B 17 -4.96 4.26 -22.43
N LEU B 18 -3.82 4.10 -21.76
CA LEU B 18 -3.05 5.25 -21.31
C LEU B 18 -2.61 6.13 -22.47
N LYS B 19 -2.10 5.52 -23.54
CA LYS B 19 -1.68 6.28 -24.71
C LYS B 19 -2.87 7.01 -25.33
N GLU B 20 -3.98 6.30 -25.50
CA GLU B 20 -5.18 6.91 -26.09
C GLU B 20 -5.79 7.99 -25.20
N ASN B 21 -5.70 7.81 -23.89
CA ASN B 21 -6.20 8.83 -22.96
C ASN B 21 -5.38 10.11 -23.06
N ALA B 22 -4.05 9.96 -23.16
CA ALA B 22 -3.19 11.13 -23.34
C ALA B 22 -3.54 11.82 -24.66
N ALA B 23 -3.71 11.05 -25.73
CA ALA B 23 -4.08 11.63 -27.01
C ALA B 23 -5.44 12.34 -26.94
N SER B 24 -6.39 11.75 -26.24
CA SER B 24 -7.72 12.34 -26.11
C SER B 24 -7.66 13.67 -25.37
N PHE B 25 -6.87 13.71 -24.30
CA PHE B 25 -6.67 14.96 -23.56
C PHE B 25 -5.96 16.01 -24.38
N LYS B 26 -4.92 15.60 -25.10
CA LYS B 26 -4.17 16.54 -25.93
C LYS B 26 -5.07 17.20 -26.97
N ALA B 27 -5.96 16.41 -27.56
CA ALA B 27 -6.86 16.93 -28.59
C ALA B 27 -7.87 17.92 -28.00
N SER B 28 -8.12 17.82 -26.71
CA SER B 28 -9.19 18.60 -26.08
C SER B 28 -8.72 19.96 -25.59
N LEU B 29 -7.41 20.23 -25.66
CA LEU B 29 -6.88 21.43 -25.03
C LEU B 29 -7.31 22.68 -25.79
N GLN B 30 -7.39 23.78 -25.05
CA GLN B 30 -7.88 25.06 -25.58
C GLN B 30 -7.14 25.50 -26.84
N SER B 31 -5.82 25.38 -26.84
CA SER B 31 -4.98 25.76 -27.97
C SER B 31 -3.90 24.71 -28.22
N PRO B 32 -3.41 24.62 -29.47
CA PRO B 32 -2.35 23.64 -29.76
C PRO B 32 -1.03 23.99 -29.10
N ALA B 33 -0.86 25.24 -28.66
CA ALA B 33 0.34 25.62 -27.93
C ALA B 33 0.30 25.14 -26.47
N CYS B 34 -0.88 24.78 -25.99
CA CYS B 34 -1.01 24.33 -24.60
C CYS B 34 -0.35 22.97 -24.42
N ARG B 35 0.49 22.84 -23.39
CA ARG B 35 1.22 21.60 -23.14
C ARG B 35 0.41 20.63 -22.30
N LEU B 36 0.52 19.34 -22.60
CA LEU B 36 -0.06 18.34 -21.72
C LEU B 36 1.00 17.76 -20.81
N MET B 37 0.89 18.04 -19.51
CA MET B 37 1.72 17.34 -18.53
C MET B 37 1.01 16.06 -18.06
N ALA B 38 1.67 14.92 -18.20
CA ALA B 38 1.16 13.67 -17.65
C ALA B 38 1.65 13.54 -16.22
N VAL B 39 0.72 13.46 -15.27
CA VAL B 39 1.12 13.37 -13.87
C VAL B 39 1.23 11.90 -13.49
N VAL B 40 2.44 11.49 -13.14
CA VAL B 40 2.73 10.07 -12.92
C VAL B 40 3.35 9.84 -11.54
N LYS B 41 3.02 10.71 -10.61
CA LYS B 41 3.37 10.53 -9.23
C LYS B 41 2.73 9.29 -8.65
N GLY B 42 3.20 8.88 -7.48
CA GLY B 42 2.71 7.68 -6.88
C GLY B 42 2.86 6.45 -7.75
N ASP B 43 4.02 6.34 -8.37
CA ASP B 43 4.32 5.23 -9.26
C ASP B 43 3.27 5.10 -10.36
N GLY B 44 2.99 6.21 -11.04
CA GLY B 44 1.94 6.25 -12.03
C GLY B 44 0.57 5.89 -11.45
N TYR B 45 0.25 6.45 -10.29
CA TYR B 45 -1.01 6.18 -9.61
C TYR B 45 -1.23 4.69 -9.48
N GLY B 46 -0.17 3.97 -9.11
CA GLY B 46 -0.24 2.53 -8.93
C GLY B 46 -0.19 1.70 -10.20
N HIS B 47 -0.08 2.36 -11.37
CA HIS B 47 -0.04 1.63 -12.65
C HIS B 47 1.38 1.30 -13.07
N GLY B 48 2.35 1.98 -12.46
CA GLY B 48 3.74 1.89 -12.90
C GLY B 48 4.19 3.20 -13.54
N ALA B 49 5.12 3.88 -12.90
CA ALA B 49 5.55 5.20 -13.34
C ALA B 49 6.15 5.18 -14.75
N VAL B 50 7.03 4.21 -14.99
CA VAL B 50 7.74 4.18 -16.26
C VAL B 50 6.76 3.84 -17.39
N ALA B 51 5.88 2.87 -17.14
CA ALA B 51 4.88 2.47 -18.11
C ALA B 51 3.92 3.62 -18.42
N ALA B 52 3.45 4.29 -17.38
CA ALA B 52 2.52 5.40 -17.56
C ALA B 52 3.18 6.56 -18.30
N ALA B 53 4.40 6.91 -17.91
CA ALA B 53 5.12 7.99 -18.56
C ALA B 53 5.38 7.69 -20.04
N SER B 54 5.88 6.48 -20.32
CA SER B 54 6.18 6.09 -21.69
C SER B 54 4.94 6.16 -22.57
N SER B 55 3.85 5.62 -22.05
CA SER B 55 2.59 5.57 -22.79
C SER B 55 2.04 6.96 -23.05
N ALA B 56 2.09 7.80 -22.02
CA ALA B 56 1.57 9.14 -22.12
C ALA B 56 2.37 9.97 -23.13
N LEU B 57 3.69 9.87 -23.10
CA LEU B 57 4.53 10.54 -24.09
C LEU B 57 4.19 10.07 -25.49
N ASN B 58 4.00 8.77 -25.64
CA ASN B 58 3.66 8.22 -26.96
C ASN B 58 2.33 8.73 -27.45
N GLY B 59 1.45 9.11 -26.52
CA GLY B 59 0.16 9.66 -26.86
C GLY B 59 0.14 11.17 -27.00
N GLY B 60 1.27 11.83 -26.77
CA GLY B 60 1.36 13.24 -27.02
C GLY B 60 1.65 14.14 -25.82
N ALA B 61 1.93 13.56 -24.66
CA ALA B 61 2.29 14.37 -23.49
C ALA B 61 3.60 15.11 -23.77
N ASP B 62 3.74 16.30 -23.18
CA ASP B 62 4.86 17.19 -23.43
C ASP B 62 5.79 17.29 -22.21
N TYR B 63 5.26 16.92 -21.05
CA TYR B 63 5.97 17.13 -19.78
C TYR B 63 5.50 16.02 -18.85
N LEU B 64 6.33 15.65 -17.89
CA LEU B 64 5.91 14.71 -16.85
C LEU B 64 5.92 15.40 -15.49
N GLY B 65 4.95 15.05 -14.65
CA GLY B 65 4.93 15.53 -13.28
C GLY B 65 5.05 14.41 -12.26
N VAL B 66 5.92 14.61 -11.26
CA VAL B 66 6.01 13.68 -10.15
C VAL B 66 5.86 14.43 -8.84
N ALA B 67 5.68 13.68 -7.75
CA ALA B 67 5.51 14.31 -6.43
C ALA B 67 6.84 14.69 -5.78
N ILE B 68 7.84 13.83 -5.92
CA ILE B 68 9.08 13.97 -5.19
C ILE B 68 10.28 13.62 -6.06
N LEU B 69 11.46 14.10 -5.67
CA LEU B 69 12.66 13.88 -6.46
C LEU B 69 12.97 12.39 -6.68
N ASP B 70 12.70 11.55 -5.68
CA ASP B 70 12.94 10.10 -5.82
C ASP B 70 12.29 9.60 -7.10
N GLU B 71 11.07 10.05 -7.34
CA GLU B 71 10.29 9.59 -8.48
C GLU B 71 10.88 10.08 -9.80
N ALA B 72 11.40 11.30 -9.80
CA ALA B 72 12.05 11.85 -10.98
C ALA B 72 13.33 11.07 -11.31
N ILE B 73 14.10 10.76 -10.28
CA ILE B 73 15.33 10.00 -10.47
C ILE B 73 15.03 8.60 -11.02
N GLU B 74 13.97 7.99 -10.52
CA GLU B 74 13.55 6.68 -11.01
C GLU B 74 13.27 6.71 -12.51
N LEU B 75 12.56 7.74 -12.97
CA LEU B 75 12.26 7.88 -14.39
C LEU B 75 13.53 8.06 -15.20
N ARG B 76 14.44 8.90 -14.72
CA ARG B 76 15.69 9.13 -15.43
C ARG B 76 16.54 7.85 -15.49
N ASP B 77 16.54 7.08 -14.41
CA ASP B 77 17.32 5.85 -14.37
C ASP B 77 16.77 4.79 -15.33
N ALA B 78 15.48 4.86 -15.62
CA ALA B 78 14.84 3.96 -16.57
C ALA B 78 15.01 4.45 -18.01
N GLY B 79 15.66 5.58 -18.17
CA GLY B 79 15.98 6.08 -19.51
C GLY B 79 14.97 7.06 -20.08
N VAL B 80 14.05 7.54 -19.25
CA VAL B 80 13.10 8.58 -19.67
C VAL B 80 13.82 9.92 -19.76
N GLU B 81 13.72 10.57 -20.91
CA GLU B 81 14.48 11.79 -21.17
C GLU B 81 13.59 13.03 -21.27
N ALA B 82 12.28 12.83 -21.17
CA ALA B 82 11.32 13.94 -21.28
C ALA B 82 11.47 14.90 -20.10
N PRO B 83 10.99 16.14 -20.25
CA PRO B 83 11.04 17.05 -19.09
C PRO B 83 10.24 16.50 -17.92
N ILE B 84 10.76 16.66 -16.72
CA ILE B 84 10.09 16.21 -15.49
C ILE B 84 10.06 17.35 -14.50
N LEU B 85 8.87 17.64 -13.98
CA LEU B 85 8.73 18.62 -12.89
C LEU B 85 8.40 17.90 -11.59
N VAL B 86 9.19 18.17 -10.55
CA VAL B 86 8.81 17.77 -9.21
C VAL B 86 7.81 18.79 -8.70
N LEU B 87 6.59 18.33 -8.40
CA LEU B 87 5.48 19.22 -8.04
C LEU B 87 5.50 19.66 -6.59
N GLY B 88 6.06 18.80 -5.74
CA GLY B 88 6.14 19.11 -4.32
C GLY B 88 7.47 19.71 -3.92
N TYR B 89 7.76 19.64 -2.63
CA TYR B 89 8.97 20.22 -2.06
C TYR B 89 10.21 19.41 -2.39
N THR B 90 11.31 20.10 -2.69
CA THR B 90 12.64 19.49 -2.79
C THR B 90 13.55 20.25 -1.85
N SER B 91 14.25 19.54 -0.98
CA SER B 91 15.04 20.19 0.06
C SER B 91 16.38 20.69 -0.47
N PRO B 92 16.99 21.66 0.23
CA PRO B 92 18.29 22.19 -0.23
C PRO B 92 19.35 21.12 -0.49
N HIS B 93 19.40 20.06 0.32
CA HIS B 93 20.50 19.10 0.19
C HIS B 93 20.35 18.23 -1.07
N ALA B 94 19.17 18.27 -1.68
CA ALA B 94 18.85 17.43 -2.85
C ALA B 94 19.00 18.17 -4.17
N LEU B 95 19.25 19.47 -4.12
CA LEU B 95 19.19 20.29 -5.33
C LEU B 95 20.25 19.91 -6.37
N ARG B 96 21.48 19.66 -5.91
CA ARG B 96 22.55 19.33 -6.85
C ARG B 96 22.25 18.03 -7.60
N GLU B 97 21.74 17.04 -6.89
CA GLU B 97 21.34 15.78 -7.54
C GLU B 97 20.25 16.03 -8.59
N ALA B 98 19.26 16.84 -8.24
CA ALA B 98 18.18 17.14 -9.17
C ALA B 98 18.70 17.84 -10.43
N ILE B 99 19.58 18.82 -10.25
CA ILE B 99 20.01 19.59 -11.41
C ILE B 99 20.93 18.73 -12.27
N SER B 100 21.66 17.81 -11.65
CA SER B 100 22.57 16.96 -12.40
C SER B 100 21.80 15.95 -13.28
N ARG B 101 20.55 15.66 -12.92
CA ARG B 101 19.72 14.76 -13.72
C ARG B 101 18.69 15.51 -14.56
N ASN B 102 18.89 16.82 -14.72
CA ASN B 102 18.03 17.68 -15.53
C ASN B 102 16.56 17.61 -15.13
N ILE B 103 16.32 17.74 -13.83
CA ILE B 103 14.97 17.72 -13.29
C ILE B 103 14.53 19.13 -12.96
N THR B 104 13.35 19.49 -13.43
CA THR B 104 12.77 20.80 -13.14
C THR B 104 12.21 20.79 -11.71
N LEU B 105 12.46 21.86 -10.97
CA LEU B 105 12.12 21.90 -9.55
C LEU B 105 11.07 22.94 -9.19
N THR B 106 10.14 22.56 -8.32
CA THR B 106 9.22 23.52 -7.73
C THR B 106 9.88 24.21 -6.54
N VAL B 107 9.72 25.53 -6.46
CA VAL B 107 10.31 26.33 -5.39
C VAL B 107 9.21 27.20 -4.79
N PHE B 108 9.13 27.25 -3.46
CA PHE B 108 8.21 28.20 -2.83
C PHE B 108 8.72 28.76 -1.49
N SER B 109 10.01 28.57 -1.21
CA SER B 109 10.52 28.98 0.10
C SER B 109 11.97 29.48 0.01
N THR B 110 12.35 30.28 1.01
CA THR B 110 13.64 30.98 0.96
C THR B 110 14.83 30.06 1.20
N ASP B 111 14.63 28.98 1.96
CA ASP B 111 15.73 28.05 2.21
C ASP B 111 16.22 27.47 0.86
N VAL B 112 15.27 27.08 0.03
CA VAL B 112 15.57 26.51 -1.28
C VAL B 112 16.02 27.60 -2.25
N ARG B 113 15.37 28.76 -2.20
CA ARG B 113 15.82 29.88 -3.02
C ARG B 113 17.30 30.18 -2.78
N ASP B 114 17.68 30.31 -1.51
CA ASP B 114 19.06 30.72 -1.21
C ASP B 114 20.07 29.64 -1.54
N ALA B 115 19.71 28.37 -1.36
CA ALA B 115 20.62 27.29 -1.71
C ALA B 115 20.81 27.26 -3.22
N LEU B 116 19.72 27.44 -3.95
CA LEU B 116 19.74 27.50 -5.41
C LEU B 116 20.67 28.60 -5.92
N LEU B 117 20.60 29.79 -5.31
CA LEU B 117 21.45 30.89 -5.73
C LEU B 117 22.93 30.54 -5.58
N GLU B 118 23.27 29.75 -4.57
CA GLU B 118 24.66 29.38 -4.36
C GLU B 118 25.08 28.26 -5.31
N VAL B 119 24.18 27.34 -5.58
CA VAL B 119 24.43 26.16 -6.38
C VAL B 119 24.45 26.49 -7.87
N ALA B 120 23.59 27.38 -8.27
CA ALA B 120 23.45 27.70 -9.67
C ALA B 120 24.76 28.32 -10.08
N SER B 121 25.32 29.10 -9.16
CA SER B 121 26.66 29.64 -9.26
C SER B 121 27.61 28.60 -9.88
N GLU B 122 27.24 27.30 -9.79
CA GLU B 122 27.86 26.13 -10.47
C GLU B 122 27.26 25.82 -11.87
N ALA B 123 26.75 24.59 -12.08
CA ALA B 123 26.01 24.05 -13.24
C ALA B 123 26.30 24.30 -14.73
N GLU B 124 26.14 23.26 -15.53
CA GLU B 124 26.50 23.30 -16.94
C GLU B 124 25.58 24.27 -17.64
N SER B 125 24.30 23.92 -17.72
CA SER B 125 23.29 24.73 -18.37
C SER B 125 22.31 25.24 -17.34
N PRO B 126 21.47 26.18 -17.72
CA PRO B 126 20.60 26.79 -16.70
C PRO B 126 19.72 25.78 -15.98
N ILE B 127 19.50 26.05 -14.70
CA ILE B 127 18.56 25.29 -13.88
C ILE B 127 17.16 25.79 -14.15
N LYS B 128 16.20 24.86 -14.28
CA LYS B 128 14.80 25.25 -14.51
C LYS B 128 13.98 25.09 -13.23
N VAL B 129 13.22 26.12 -12.88
CA VAL B 129 12.34 26.07 -11.72
C VAL B 129 10.95 26.59 -12.08
N HIS B 130 9.96 26.09 -11.33
CA HIS B 130 8.60 26.64 -11.35
C HIS B 130 8.30 27.12 -9.95
N ILE B 131 7.63 28.27 -9.85
CA ILE B 131 7.25 28.80 -8.56
C ILE B 131 5.82 28.39 -8.21
N LYS B 132 5.63 27.83 -7.03
CA LYS B 132 4.27 27.47 -6.55
C LYS B 132 3.63 28.63 -5.83
N THR B 133 2.38 28.93 -6.19
CA THR B 133 1.62 29.97 -5.51
C THR B 133 0.41 29.38 -4.83
N GLU B 134 0.09 29.92 -3.65
CA GLU B 134 -1.07 29.53 -2.85
C GLU B 134 -2.30 30.34 -3.24
N THR B 135 -3.36 29.68 -3.69
CA THR B 135 -4.59 30.40 -4.05
C THR B 135 -5.83 29.84 -3.39
N GLY B 136 -5.68 28.87 -2.49
CA GLY B 136 -6.86 28.35 -1.82
C GLY B 136 -6.88 26.86 -1.53
N MET B 137 -5.87 26.13 -1.99
CA MET B 137 -5.77 24.71 -1.63
C MET B 137 -5.30 24.57 -0.17
N GLY B 138 -4.59 25.57 0.33
CA GLY B 138 -4.16 25.60 1.71
C GLY B 138 -3.10 24.54 1.98
N ARG B 139 -2.20 24.35 1.01
CA ARG B 139 -1.24 23.25 1.05
C ARG B 139 0.21 23.78 1.04
N VAL B 140 0.69 24.17 -0.14
CA VAL B 140 1.97 24.84 -0.23
C VAL B 140 1.88 26.01 -1.20
N GLY B 141 2.86 26.92 -1.13
CA GLY B 141 2.98 27.98 -2.11
C GLY B 141 3.13 29.34 -1.44
N VAL B 142 3.72 30.28 -2.16
CA VAL B 142 3.87 31.63 -1.63
C VAL B 142 2.48 32.25 -1.48
N GLN B 143 2.30 33.12 -0.50
CA GLN B 143 0.94 33.52 -0.12
C GLN B 143 0.56 34.93 -0.53
N THR B 144 1.55 35.78 -0.77
CA THR B 144 1.31 37.18 -1.08
C THR B 144 2.16 37.62 -2.26
N LYS B 145 1.77 38.72 -2.88
CA LYS B 145 2.56 39.30 -3.96
C LYS B 145 3.98 39.58 -3.49
N GLU B 146 4.08 40.13 -2.29
CA GLU B 146 5.37 40.47 -1.70
C GLU B 146 6.26 39.24 -1.58
N GLU B 147 5.69 38.16 -1.06
CA GLU B 147 6.44 36.93 -0.90
C GLU B 147 6.82 36.34 -2.26
N LEU B 148 5.91 36.39 -3.22
CA LEU B 148 6.23 35.90 -4.57
C LEU B 148 7.42 36.68 -5.13
N LEU B 149 7.36 38.00 -5.03
CA LEU B 149 8.45 38.84 -5.54
C LEU B 149 9.75 38.54 -4.80
N ASP B 150 9.67 38.33 -3.50
CA ASP B 150 10.87 38.07 -2.70
C ASP B 150 11.53 36.75 -3.07
N VAL B 151 10.71 35.73 -3.32
CA VAL B 151 11.21 34.40 -3.65
C VAL B 151 11.67 34.34 -5.10
N MET B 152 10.90 34.90 -6.02
CA MET B 152 11.18 34.69 -7.43
C MET B 152 12.24 35.63 -8.01
N THR B 153 12.28 36.87 -7.55
CA THR B 153 13.10 37.87 -8.22
C THR B 153 14.60 37.52 -8.30
N PRO B 154 15.21 37.07 -7.18
CA PRO B 154 16.63 36.71 -7.28
C PRO B 154 16.88 35.53 -8.20
N LEU B 155 15.95 34.58 -8.24
CA LEU B 155 16.07 33.44 -9.16
C LEU B 155 15.93 33.87 -10.61
N TYR B 156 14.94 34.72 -10.88
CA TYR B 156 14.71 35.21 -12.24
C TYR B 156 15.93 35.91 -12.81
N HIS B 157 16.64 36.64 -11.96
CA HIS B 157 17.75 37.46 -12.45
C HIS B 157 19.12 36.79 -12.28
N HIS B 158 19.13 35.56 -11.80
CA HIS B 158 20.37 34.80 -11.78
C HIS B 158 20.68 34.32 -13.20
N ASN B 159 21.92 34.54 -13.65
CA ASN B 159 22.24 34.25 -15.05
C ASN B 159 22.17 32.77 -15.42
N ASN B 160 22.13 31.89 -14.43
CA ASN B 160 22.07 30.47 -14.72
C ASN B 160 20.82 29.79 -14.19
N ILE B 161 19.77 30.57 -13.95
CA ILE B 161 18.49 29.99 -13.55
C ILE B 161 17.39 30.48 -14.48
N GLU B 162 16.55 29.57 -14.94
CA GLU B 162 15.36 29.94 -15.69
C GLU B 162 14.11 29.69 -14.86
N VAL B 163 13.34 30.75 -14.60
CA VAL B 163 12.03 30.54 -14.01
C VAL B 163 11.09 30.20 -15.16
N GLU B 164 11.01 28.90 -15.45
CA GLU B 164 10.25 28.41 -16.59
C GLU B 164 8.74 28.47 -16.34
N GLY B 165 8.35 28.34 -15.07
CA GLY B 165 6.94 28.16 -14.77
C GLY B 165 6.46 28.84 -13.51
N ILE B 166 5.16 29.05 -13.45
CA ILE B 166 4.50 29.49 -12.22
C ILE B 166 3.14 28.80 -12.18
N PHE B 167 2.75 28.32 -11.01
CA PHE B 167 1.51 27.55 -10.97
C PHE B 167 0.78 27.61 -9.66
N THR B 168 -0.42 27.13 -9.70
CA THR B 168 -1.24 26.90 -8.52
C THR B 168 -2.03 25.61 -8.70
N HIS B 169 -2.78 25.25 -7.67
CA HIS B 169 -3.56 24.03 -7.63
C HIS B 169 -4.94 24.25 -7.05
N PHE B 170 -5.92 23.61 -7.67
CA PHE B 170 -7.32 23.77 -7.31
C PHE B 170 -7.86 22.80 -6.25
N ALA B 171 -8.60 23.32 -5.29
CA ALA B 171 -9.18 22.49 -4.24
C ALA B 171 -10.45 21.74 -4.63
N GLU B 172 -11.24 22.29 -5.56
CA GLU B 172 -12.51 21.66 -5.92
C GLU B 172 -12.96 22.04 -7.34
N ALA B 173 -12.07 21.86 -8.31
CA ALA B 173 -12.41 22.08 -9.71
C ALA B 173 -13.45 21.07 -10.19
N ASP B 174 -13.63 19.98 -9.44
CA ASP B 174 -14.62 18.97 -9.79
C ASP B 174 -16.01 19.32 -9.27
N ASN B 175 -16.09 20.38 -8.47
CA ASN B 175 -17.38 20.88 -7.99
C ASN B 175 -17.89 21.98 -8.91
N LEU B 176 -18.81 21.61 -9.80
CA LEU B 176 -19.21 22.51 -10.87
C LEU B 176 -20.25 23.52 -10.39
N GLN B 177 -20.67 23.42 -9.13
CA GLN B 177 -21.60 24.39 -8.56
C GLN B 177 -20.89 25.45 -7.73
N SER B 178 -19.58 25.32 -7.62
CA SER B 178 -18.79 26.20 -6.77
C SER B 178 -18.16 27.35 -7.56
N THR B 179 -18.04 28.52 -6.93
CA THR B 179 -17.28 29.63 -7.49
C THR B 179 -15.80 29.58 -7.14
N TYR B 180 -15.40 28.60 -6.31
CA TYR B 180 -14.05 28.61 -5.74
C TYR B 180 -12.95 28.50 -6.79
N THR B 181 -13.19 27.71 -7.83
CA THR B 181 -12.16 27.56 -8.86
C THR B 181 -11.94 28.88 -9.60
N ASP B 182 -13.02 29.58 -9.93
CA ASP B 182 -12.88 30.91 -10.53
C ASP B 182 -12.18 31.89 -9.57
N GLU B 183 -12.50 31.80 -8.28
CA GLU B 183 -11.85 32.67 -7.29
C GLU B 183 -10.33 32.37 -7.22
N GLN B 184 -9.98 31.09 -7.18
CA GLN B 184 -8.57 30.68 -7.18
C GLN B 184 -7.85 31.16 -8.43
N PHE B 185 -8.51 31.03 -9.57
CA PHE B 185 -7.95 31.47 -10.84
C PHE B 185 -7.69 32.97 -10.86
N ALA B 186 -8.63 33.75 -10.34
CA ALA B 186 -8.43 35.20 -10.23
C ALA B 186 -7.24 35.54 -9.33
N ARG B 187 -7.09 34.82 -8.23
CA ARG B 187 -5.94 35.06 -7.37
C ARG B 187 -4.65 34.68 -8.07
N PHE B 188 -4.68 33.60 -8.84
CA PHE B 188 -3.52 33.18 -9.61
C PHE B 188 -3.12 34.27 -10.60
N LEU B 189 -4.10 34.80 -11.34
CA LEU B 189 -3.82 35.85 -12.31
C LEU B 189 -3.31 37.13 -11.62
N SER B 190 -3.77 37.36 -10.39
CA SER B 190 -3.32 38.49 -9.58
C SER B 190 -1.82 38.35 -9.23
N PHE B 191 -1.38 37.16 -8.85
CA PHE B 191 0.05 36.88 -8.70
C PHE B 191 0.80 37.19 -9.98
N ILE B 192 0.27 36.71 -11.11
CA ILE B 192 0.95 36.86 -12.39
C ILE B 192 1.06 38.34 -12.76
N GLU B 193 -0.01 39.10 -12.50
CA GLU B 193 0.04 40.53 -12.76
C GLU B 193 1.19 41.18 -11.99
N ALA B 194 1.41 40.73 -10.75
CA ALA B 194 2.45 41.34 -9.93
C ALA B 194 3.84 41.11 -10.51
N ILE B 195 4.12 39.91 -11.01
CA ILE B 195 5.46 39.68 -11.53
C ILE B 195 5.62 40.35 -12.89
N GLU B 196 4.55 40.46 -13.66
CA GLU B 196 4.66 41.09 -14.97
C GLU B 196 4.80 42.62 -14.87
N LYS B 197 4.25 43.21 -13.81
CA LYS B 197 4.49 44.63 -13.56
C LYS B 197 5.97 44.88 -13.25
N ASP B 198 6.66 43.86 -12.74
CA ASP B 198 8.09 43.93 -12.52
C ASP B 198 8.87 43.38 -13.71
N ASP B 199 8.19 43.28 -14.84
CA ASP B 199 8.78 42.83 -16.11
C ASP B 199 9.41 41.45 -16.06
N MET B 200 8.82 40.54 -15.28
CA MET B 200 9.29 39.17 -15.30
C MET B 200 8.29 38.31 -16.07
N HIS B 201 8.75 37.76 -17.18
CA HIS B 201 7.91 36.95 -18.05
C HIS B 201 8.21 35.47 -17.84
N VAL B 202 7.15 34.71 -17.54
CA VAL B 202 7.27 33.28 -17.30
C VAL B 202 6.54 32.55 -18.41
N PRO B 203 7.26 31.66 -19.12
CA PRO B 203 6.73 30.99 -20.31
C PRO B 203 5.62 29.98 -20.04
N ILE B 204 5.62 29.33 -18.88
CA ILE B 204 4.60 28.30 -18.63
C ILE B 204 3.78 28.60 -17.37
N LYS B 205 2.62 29.21 -17.59
CA LYS B 205 1.67 29.44 -16.50
C LYS B 205 0.68 28.28 -16.48
N HIS B 206 0.46 27.65 -15.34
CA HIS B 206 -0.45 26.49 -15.32
C HIS B 206 -1.20 26.32 -13.99
N CYS B 207 -2.41 25.77 -14.06
CA CYS B 207 -3.22 25.62 -12.85
C CYS B 207 -4.14 24.40 -12.83
N CYS B 208 -4.46 23.84 -13.99
CA CYS B 208 -5.46 22.76 -14.08
C CYS B 208 -4.95 21.37 -13.76
N ASN B 209 -5.75 20.65 -12.96
CA ASN B 209 -5.63 19.21 -12.76
C ASN B 209 -6.59 18.51 -13.74
N SER B 210 -6.88 17.23 -13.53
CA SER B 210 -7.84 16.55 -14.42
C SER B 210 -9.19 17.29 -14.51
N ALA B 211 -9.76 17.62 -13.36
CA ALA B 211 -11.07 18.26 -13.33
C ALA B 211 -11.01 19.65 -13.98
N GLY B 212 -9.95 20.41 -13.69
CA GLY B 212 -9.82 21.72 -14.32
C GLY B 212 -9.69 21.57 -15.83
N THR B 213 -8.91 20.59 -16.25
CA THR B 213 -8.68 20.35 -17.68
C THR B 213 -9.98 19.97 -18.40
N LEU B 214 -10.79 19.14 -17.76
CA LEU B 214 -12.02 18.66 -18.37
C LEU B 214 -13.14 19.69 -18.40
N PHE B 215 -13.24 20.48 -17.33
CA PHE B 215 -14.43 21.30 -17.12
C PHE B 215 -14.18 22.80 -17.05
N HIS B 216 -12.92 23.21 -17.09
CA HIS B 216 -12.55 24.62 -17.06
C HIS B 216 -11.58 24.98 -18.19
N LYS B 217 -12.04 24.85 -19.44
CA LYS B 217 -11.15 25.03 -20.57
C LYS B 217 -10.62 26.46 -20.67
N ASP B 218 -11.36 27.40 -20.09
CA ASP B 218 -10.88 28.78 -20.05
C ASP B 218 -9.63 28.93 -19.19
N LYS B 219 -9.30 27.91 -18.41
CA LYS B 219 -8.16 28.01 -17.49
C LYS B 219 -6.95 27.16 -17.92
N HIS B 220 -6.97 26.65 -19.15
CA HIS B 220 -5.89 25.80 -19.64
C HIS B 220 -4.54 26.49 -19.68
N LEU B 221 -4.53 27.79 -19.98
CA LEU B 221 -3.29 28.57 -20.02
C LEU B 221 -2.20 27.86 -20.85
N ASP B 222 -0.99 27.77 -20.31
CA ASP B 222 0.14 27.24 -21.09
C ASP B 222 0.36 25.73 -20.92
N MET B 223 -0.26 25.14 -19.90
CA MET B 223 -0.05 23.73 -19.61
C MET B 223 -1.14 23.25 -18.66
N VAL B 224 -1.59 22.01 -18.84
CA VAL B 224 -2.48 21.35 -17.88
C VAL B 224 -1.78 20.13 -17.30
N ARG B 225 -2.16 19.76 -16.07
CA ARG B 225 -1.50 18.68 -15.34
C ARG B 225 -2.51 17.56 -15.08
N VAL B 226 -2.54 16.59 -15.98
CA VAL B 226 -3.56 15.55 -15.90
C VAL B 226 -3.03 14.29 -15.20
N GLY B 227 -3.64 13.98 -14.05
CA GLY B 227 -3.30 12.79 -13.29
C GLY B 227 -4.39 11.73 -13.41
N ILE B 228 -5.36 11.75 -12.50
CA ILE B 228 -6.32 10.64 -12.37
C ILE B 228 -7.00 10.26 -13.68
N SER B 229 -7.36 11.23 -14.53
CA SER B 229 -8.11 10.90 -15.72
C SER B 229 -7.22 10.45 -16.88
N LEU B 230 -5.91 10.62 -16.73
CA LEU B 230 -4.97 9.98 -17.67
C LEU B 230 -5.14 8.46 -17.58
N TYR B 231 -5.49 7.99 -16.39
CA TYR B 231 -5.71 6.56 -16.13
C TYR B 231 -7.15 6.16 -16.39
N GLY B 232 -7.93 7.09 -16.95
CA GLY B 232 -9.32 6.81 -17.28
C GLY B 232 -10.22 6.72 -16.08
N LEU B 233 -9.79 7.33 -14.97
CA LEU B 233 -10.61 7.39 -13.76
C LEU B 233 -11.14 8.80 -13.55
N ARG B 234 -12.37 8.88 -13.07
CA ARG B 234 -13.03 10.18 -12.86
C ARG B 234 -12.53 10.86 -11.59
N PRO B 235 -12.34 12.20 -11.66
CA PRO B 235 -11.95 12.99 -10.48
C PRO B 235 -12.97 12.84 -9.36
N ASP B 236 -14.24 12.73 -9.75
CA ASP B 236 -15.31 12.45 -8.82
C ASP B 236 -16.34 11.61 -9.56
N VAL B 237 -16.82 10.54 -8.95
CA VAL B 237 -17.69 9.62 -9.65
C VAL B 237 -19.06 10.20 -9.96
N SER B 238 -19.37 11.38 -9.45
CA SER B 238 -20.62 12.04 -9.82
C SER B 238 -20.53 12.67 -11.21
N LEU B 239 -19.31 12.81 -11.71
CA LEU B 239 -19.07 13.43 -13.02
C LEU B 239 -19.15 12.42 -14.15
N GLU B 240 -19.51 12.92 -15.33
CA GLU B 240 -19.39 12.14 -16.56
C GLU B 240 -18.30 12.76 -17.42
N PHE B 241 -17.44 11.92 -18.01
CA PHE B 241 -16.37 12.41 -18.87
C PHE B 241 -16.92 13.11 -20.10
N PRO B 242 -16.43 14.33 -20.41
CA PRO B 242 -16.85 15.01 -21.63
C PRO B 242 -15.98 14.64 -22.85
N ILE B 243 -14.92 13.87 -22.62
CA ILE B 243 -14.11 13.34 -23.72
C ILE B 243 -13.98 11.82 -23.60
N GLU B 244 -13.50 11.19 -24.66
CA GLU B 244 -13.41 9.73 -24.72
C GLU B 244 -12.21 9.21 -23.94
N LEU B 245 -12.47 8.42 -22.90
CA LEU B 245 -11.41 7.90 -22.04
C LEU B 245 -11.69 6.46 -21.64
N THR B 246 -10.64 5.71 -21.36
CA THR B 246 -10.78 4.29 -21.00
C THR B 246 -10.03 4.00 -19.71
N GLN B 247 -10.70 3.35 -18.75
CA GLN B 247 -10.02 2.97 -17.51
C GLN B 247 -8.91 1.97 -17.79
N ALA B 248 -7.71 2.29 -17.31
CA ALA B 248 -6.51 1.55 -17.68
C ALA B 248 -6.23 0.35 -16.78
N MET B 249 -6.63 0.44 -15.51
CA MET B 249 -6.34 -0.64 -14.56
C MET B 249 -7.57 -1.49 -14.28
N ARG B 250 -7.39 -2.81 -14.28
CA ARG B 250 -8.41 -3.72 -13.80
C ARG B 250 -7.76 -4.68 -12.82
N LEU B 251 -8.41 -4.92 -11.69
CA LEU B 251 -7.85 -5.71 -10.60
C LEU B 251 -8.55 -7.06 -10.50
N PHE B 252 -7.76 -8.14 -10.48
CA PHE B 252 -8.34 -9.49 -10.47
C PHE B 252 -7.75 -10.36 -9.36
N SER B 253 -8.56 -11.28 -8.86
CA SER B 253 -7.99 -12.41 -8.14
C SER B 253 -8.66 -13.68 -8.66
N SER B 254 -8.68 -14.72 -7.84
CA SER B 254 -9.15 -16.03 -8.32
C SER B 254 -9.64 -16.87 -7.16
N ILE B 255 -10.33 -17.96 -7.46
CA ILE B 255 -10.80 -18.88 -6.44
C ILE B 255 -9.75 -19.98 -6.24
N VAL B 256 -9.20 -20.10 -5.01
CA VAL B 256 -8.24 -21.16 -4.73
C VAL B 256 -8.82 -22.21 -3.79
N SER B 257 -10.04 -21.95 -3.32
CA SER B 257 -10.75 -22.93 -2.49
C SER B 257 -12.24 -22.71 -2.64
N LEU B 258 -12.98 -23.80 -2.80
CA LEU B 258 -14.44 -23.72 -2.97
C LEU B 258 -15.08 -24.80 -2.11
N ARG B 259 -15.80 -24.39 -1.08
CA ARG B 259 -16.25 -25.34 -0.07
C ARG B 259 -17.68 -25.03 0.35
N LYS B 260 -18.40 -26.06 0.76
CA LYS B 260 -19.73 -25.89 1.29
C LYS B 260 -19.61 -25.84 2.81
N LEU B 261 -20.15 -24.80 3.42
CA LEU B 261 -20.10 -24.67 4.88
C LEU B 261 -21.53 -24.62 5.44
N PRO B 262 -21.75 -25.27 6.59
CA PRO B 262 -23.10 -25.35 7.14
C PRO B 262 -23.59 -24.07 7.81
N GLU B 263 -24.91 -23.96 7.95
CA GLU B 263 -25.53 -22.86 8.67
C GLU B 263 -24.89 -22.72 10.04
N GLY B 264 -24.69 -21.49 10.49
CA GLY B 264 -24.07 -21.26 11.78
C GLY B 264 -22.55 -21.18 11.78
N SER B 265 -21.90 -21.64 10.71
CA SER B 265 -20.44 -21.51 10.59
C SER B 265 -20.05 -20.05 10.59
N SER B 266 -18.96 -19.71 11.27
CA SER B 266 -18.48 -18.34 11.21
C SER B 266 -17.33 -18.23 10.22
N ILE B 267 -17.19 -17.04 9.63
CA ILE B 267 -16.18 -16.82 8.61
C ILE B 267 -15.19 -15.77 9.10
N SER B 268 -13.92 -16.18 9.14
CA SER B 268 -12.75 -15.33 9.34
C SER B 268 -12.63 -14.78 10.76
N TYR B 269 -11.66 -13.88 10.95
CA TYR B 269 -11.30 -13.42 12.29
C TYR B 269 -12.46 -12.79 13.05
N GLY B 270 -12.52 -13.05 14.35
CA GLY B 270 -13.55 -12.45 15.19
C GLY B 270 -14.96 -12.98 14.96
N ARG B 271 -15.09 -13.97 14.07
CA ARG B 271 -16.40 -14.57 13.78
C ARG B 271 -17.45 -13.52 13.44
N THR B 272 -17.08 -12.52 12.64
CA THR B 272 -17.95 -11.36 12.46
C THR B 272 -19.10 -11.65 11.51
N HIS B 273 -19.00 -12.76 10.79
CA HIS B 273 -20.11 -13.22 9.95
C HIS B 273 -20.43 -14.67 10.25
N LYS B 274 -21.70 -14.97 10.49
CA LYS B 274 -22.13 -16.36 10.65
C LYS B 274 -23.16 -16.70 9.57
N LEU B 275 -22.98 -17.84 8.91
CA LEU B 275 -23.85 -18.21 7.80
C LEU B 275 -25.29 -18.43 8.23
N SER B 276 -26.23 -17.79 7.53
CA SER B 276 -27.66 -17.90 7.87
C SER B 276 -28.27 -19.16 7.28
N SER B 277 -27.54 -19.79 6.36
CA SER B 277 -27.90 -21.09 5.83
C SER B 277 -26.64 -21.73 5.26
N GLU B 278 -26.77 -22.93 4.73
CA GLU B 278 -25.65 -23.59 4.08
C GLU B 278 -25.21 -22.74 2.89
N LYS B 279 -23.93 -22.41 2.81
CA LYS B 279 -23.43 -21.57 1.72
C LYS B 279 -22.25 -22.20 1.02
N VAL B 280 -22.05 -21.84 -0.24
CA VAL B 280 -20.81 -22.18 -0.93
C VAL B 280 -19.90 -20.97 -0.81
N VAL B 281 -18.79 -21.17 -0.10
CA VAL B 281 -17.84 -20.11 0.20
C VAL B 281 -16.58 -20.33 -0.61
N ALA B 282 -16.19 -19.31 -1.36
CA ALA B 282 -14.95 -19.36 -2.11
C ALA B 282 -13.90 -18.52 -1.40
N THR B 283 -12.66 -19.00 -1.43
CA THR B 283 -11.55 -18.26 -0.82
C THR B 283 -10.63 -17.78 -1.93
N MET B 284 -10.24 -16.50 -1.86
CA MET B 284 -9.35 -15.88 -2.82
C MET B 284 -8.00 -15.59 -2.20
N PRO B 285 -6.92 -15.72 -2.99
CA PRO B 285 -5.57 -15.40 -2.50
C PRO B 285 -5.30 -13.90 -2.66
N ILE B 286 -6.08 -13.09 -1.94
CA ILE B 286 -5.87 -11.65 -1.93
C ILE B 286 -6.33 -11.13 -0.59
N GLY B 287 -5.59 -10.17 -0.03
CA GLY B 287 -6.02 -9.57 1.22
C GLY B 287 -5.41 -8.19 1.38
N TYR B 288 -5.42 -7.63 2.59
CA TYR B 288 -5.04 -6.22 2.72
C TYR B 288 -3.54 -5.98 2.53
N ALA B 289 -2.70 -7.03 2.60
CA ALA B 289 -1.29 -6.83 2.25
C ALA B 289 -1.10 -6.71 0.75
N ASP B 290 -2.16 -6.98 -0.02
CA ASP B 290 -2.16 -6.69 -1.45
C ASP B 290 -2.78 -5.34 -1.74
N GLY B 291 -3.27 -4.70 -0.69
CA GLY B 291 -3.92 -3.41 -0.87
C GLY B 291 -5.43 -3.49 -0.97
N LEU B 292 -5.98 -4.68 -0.80
CA LEU B 292 -7.43 -4.80 -0.71
C LEU B 292 -7.89 -4.27 0.63
N SER B 293 -8.63 -3.16 0.64
CA SER B 293 -8.97 -2.48 1.89
C SER B 293 -9.70 -3.38 2.87
N ARG B 294 -9.22 -3.44 4.12
CA ARG B 294 -9.92 -4.24 5.14
C ARG B 294 -11.31 -3.65 5.44
N ALA B 295 -11.51 -2.39 5.10
CA ALA B 295 -12.84 -1.78 5.28
C ALA B 295 -13.90 -2.42 4.37
N LEU B 296 -13.48 -3.24 3.42
CA LEU B 296 -14.43 -3.98 2.60
C LEU B 296 -14.96 -5.22 3.32
N SER B 297 -14.41 -5.50 4.51
CA SER B 297 -14.91 -6.61 5.34
C SER B 297 -16.43 -6.54 5.49
N ASN B 298 -17.10 -7.65 5.18
CA ASN B 298 -18.56 -7.74 5.28
C ASN B 298 -19.33 -6.71 4.47
N LYS B 299 -18.71 -6.08 3.49
CA LYS B 299 -19.49 -5.12 2.70
C LYS B 299 -19.13 -5.03 1.22
N GLY B 300 -17.89 -5.35 0.85
CA GLY B 300 -17.51 -5.31 -0.56
C GLY B 300 -17.98 -6.53 -1.33
N PHE B 301 -17.66 -6.55 -2.63
CA PHE B 301 -18.03 -7.66 -3.50
C PHE B 301 -17.03 -7.76 -4.65
N VAL B 302 -17.01 -8.92 -5.29
CA VAL B 302 -16.30 -9.10 -6.54
C VAL B 302 -17.30 -9.51 -7.61
N THR B 303 -16.89 -9.48 -8.87
CA THR B 303 -17.79 -9.97 -9.91
C THR B 303 -17.25 -11.24 -10.55
N LEU B 304 -18.15 -12.16 -10.86
CA LEU B 304 -17.80 -13.33 -11.63
C LEU B 304 -19.07 -13.89 -12.25
N HIS B 305 -18.94 -14.43 -13.46
CA HIS B 305 -20.09 -14.99 -14.18
C HIS B 305 -21.26 -14.01 -14.26
N GLY B 306 -20.94 -12.73 -14.34
CA GLY B 306 -21.96 -11.70 -14.52
C GLY B 306 -22.76 -11.38 -13.27
N GLN B 307 -22.29 -11.86 -12.12
CA GLN B 307 -22.98 -11.61 -10.86
C GLN B 307 -22.04 -11.02 -9.81
N LYS B 308 -22.62 -10.48 -8.75
CA LYS B 308 -21.83 -9.98 -7.63
C LYS B 308 -21.77 -11.02 -6.52
N ALA B 309 -20.58 -11.27 -6.01
CA ALA B 309 -20.39 -12.18 -4.89
C ALA B 309 -19.89 -11.38 -3.68
N PRO B 310 -20.69 -11.31 -2.62
CA PRO B 310 -20.29 -10.49 -1.47
C PRO B 310 -19.15 -11.08 -0.64
N ILE B 311 -18.29 -10.19 -0.14
CA ILE B 311 -17.26 -10.59 0.80
C ILE B 311 -17.89 -10.98 2.14
N LEU B 312 -17.49 -12.14 2.66
CA LEU B 312 -17.97 -12.64 3.95
C LEU B 312 -16.93 -12.45 5.04
N GLY B 313 -17.32 -11.81 6.12
CA GLY B 313 -16.44 -11.61 7.25
C GLY B 313 -15.27 -10.72 6.95
N ARG B 314 -14.20 -10.86 7.74
CA ARG B 314 -13.08 -9.96 7.62
C ARG B 314 -12.11 -10.36 6.52
N VAL B 315 -11.71 -9.36 5.75
CA VAL B 315 -10.55 -9.46 4.88
C VAL B 315 -9.31 -9.75 5.72
N CYS B 316 -8.54 -10.79 5.36
CA CYS B 316 -7.31 -11.11 6.08
C CYS B 316 -6.13 -10.49 5.35
N MET B 317 -4.93 -10.70 5.89
CA MET B 317 -3.75 -10.16 5.24
C MET B 317 -3.59 -10.65 3.79
N ASP B 318 -3.91 -11.93 3.54
CA ASP B 318 -3.59 -12.55 2.26
C ASP B 318 -4.78 -13.28 1.62
N GLN B 319 -5.88 -13.39 2.34
CA GLN B 319 -7.01 -14.20 1.88
C GLN B 319 -8.31 -13.50 2.20
N THR B 320 -9.30 -13.70 1.33
CA THR B 320 -10.61 -13.08 1.47
C THR B 320 -11.65 -14.08 1.02
N MET B 321 -12.75 -14.17 1.77
CA MET B 321 -13.82 -15.12 1.46
C MET B 321 -15.03 -14.44 0.82
N ILE B 322 -15.64 -15.11 -0.16
CA ILE B 322 -16.85 -14.58 -0.81
C ILE B 322 -17.94 -15.65 -0.87
N ASP B 323 -19.18 -15.18 -0.96
CA ASP B 323 -20.34 -16.06 -1.03
C ASP B 323 -20.73 -16.29 -2.50
N VAL B 324 -20.55 -17.51 -3.00
CA VAL B 324 -20.92 -17.79 -4.38
C VAL B 324 -22.09 -18.74 -4.49
N THR B 325 -22.87 -18.86 -3.40
CA THR B 325 -24.02 -19.75 -3.37
C THR B 325 -25.02 -19.50 -4.52
N ASP B 326 -25.22 -18.24 -4.89
CA ASP B 326 -26.16 -17.92 -5.95
C ASP B 326 -25.51 -17.88 -7.33
N ILE B 327 -24.27 -18.36 -7.40
CA ILE B 327 -23.52 -18.41 -8.65
C ILE B 327 -23.13 -19.87 -8.90
N PRO B 328 -24.08 -20.65 -9.42
CA PRO B 328 -23.98 -22.11 -9.51
C PRO B 328 -22.74 -22.58 -10.27
N ASP B 329 -22.29 -21.80 -11.24
CA ASP B 329 -21.16 -22.23 -12.05
C ASP B 329 -19.79 -21.79 -11.55
N ALA B 330 -19.75 -21.16 -10.37
CA ALA B 330 -18.48 -20.86 -9.72
C ALA B 330 -17.67 -22.14 -9.54
N ALA B 331 -16.38 -22.06 -9.86
CA ALA B 331 -15.51 -23.22 -9.79
C ALA B 331 -14.14 -22.82 -9.30
N LEU B 332 -13.46 -23.75 -8.64
CA LEU B 332 -12.04 -23.62 -8.36
C LEU B 332 -11.32 -23.11 -9.62
N GLY B 333 -10.53 -22.07 -9.48
CA GLY B 333 -9.76 -21.54 -10.60
C GLY B 333 -10.39 -20.36 -11.31
N ASP B 334 -11.66 -20.05 -11.02
CA ASP B 334 -12.31 -18.91 -11.66
C ASP B 334 -11.60 -17.61 -11.32
N HIS B 335 -11.41 -16.74 -12.30
CA HIS B 335 -10.88 -15.42 -11.99
C HIS B 335 -12.05 -14.47 -11.72
N VAL B 336 -11.83 -13.53 -10.80
CA VAL B 336 -12.89 -12.62 -10.37
C VAL B 336 -12.35 -11.20 -10.46
N GLU B 337 -13.24 -10.23 -10.62
CA GLU B 337 -12.80 -8.84 -10.76
C GLU B 337 -13.27 -7.95 -9.61
N PHE B 338 -12.41 -7.02 -9.20
CA PHE B 338 -12.72 -6.05 -8.16
C PHE B 338 -13.04 -4.71 -8.81
N PRO B 339 -14.23 -4.15 -8.52
CA PRO B 339 -14.62 -2.86 -9.11
C PRO B 339 -13.96 -1.70 -8.37
N ILE B 340 -13.14 -0.93 -9.07
CA ILE B 340 -12.32 0.08 -8.40
C ILE B 340 -13.15 1.23 -7.82
N ASP B 341 -14.02 1.85 -8.62
CA ASP B 341 -14.83 2.96 -8.09
C ASP B 341 -15.78 2.50 -6.99
N GLU B 342 -16.37 1.32 -7.15
CA GLU B 342 -17.27 0.83 -6.12
C GLU B 342 -16.55 0.50 -4.79
N MET B 343 -15.33 -0.02 -4.88
CA MET B 343 -14.53 -0.23 -3.65
C MET B 343 -14.30 1.10 -2.91
N ALA B 344 -14.04 2.16 -3.68
CA ALA B 344 -13.85 3.48 -3.08
C ALA B 344 -15.13 3.94 -2.38
N GLU B 345 -16.25 3.86 -3.10
CA GLU B 345 -17.55 4.28 -2.56
C GLU B 345 -17.91 3.53 -1.30
N LEU B 346 -17.72 2.21 -1.30
CA LEU B 346 -18.11 1.38 -0.17
C LEU B 346 -17.27 1.62 1.07
N THR B 347 -16.04 2.11 0.89
CA THR B 347 -15.16 2.34 2.03
C THR B 347 -14.96 3.82 2.36
N GLY B 348 -15.75 4.68 1.71
CA GLY B 348 -15.73 6.10 2.00
C GLY B 348 -14.47 6.79 1.55
N THR B 349 -13.89 6.31 0.46
CA THR B 349 -12.70 6.97 -0.08
C THR B 349 -12.87 7.24 -1.58
N ILE B 350 -11.76 7.42 -2.28
CA ILE B 350 -11.78 7.80 -3.68
C ILE B 350 -10.94 6.86 -4.51
N ASN B 351 -11.22 6.76 -5.81
CA ASN B 351 -10.47 5.83 -6.65
C ASN B 351 -8.95 6.06 -6.60
N TYR B 352 -8.51 7.32 -6.45
CA TYR B 352 -7.08 7.62 -6.30
C TYR B 352 -6.41 6.72 -5.26
N GLU B 353 -7.02 6.63 -4.08
CA GLU B 353 -6.41 5.86 -3.01
C GLU B 353 -6.46 4.38 -3.32
N ILE B 354 -7.59 3.93 -3.86
CA ILE B 354 -7.75 2.51 -4.17
C ILE B 354 -6.64 2.03 -5.11
N VAL B 355 -6.36 2.78 -6.18
CA VAL B 355 -5.38 2.30 -7.14
C VAL B 355 -3.94 2.46 -6.62
N CYS B 356 -3.67 3.49 -5.83
CA CYS B 356 -2.34 3.63 -5.22
C CYS B 356 -2.06 2.55 -4.18
N ALA B 357 -3.11 2.10 -3.52
CA ALA B 357 -2.96 1.12 -2.43
C ALA B 357 -2.62 -0.29 -2.93
N VAL B 358 -2.86 -0.58 -4.21
CA VAL B 358 -2.52 -1.91 -4.74
C VAL B 358 -1.03 -2.12 -4.52
N SER B 359 -0.66 -3.11 -3.71
CA SER B 359 0.67 -3.13 -3.10
C SER B 359 1.75 -3.72 -4.01
N LYS B 360 2.99 -3.69 -3.54
CA LYS B 360 4.08 -4.18 -4.37
C LYS B 360 4.02 -5.69 -4.54
N ARG B 361 3.18 -6.36 -3.73
CA ARG B 361 3.03 -7.81 -3.87
C ARG B 361 2.20 -8.20 -5.09
N VAL B 362 1.45 -7.24 -5.62
CA VAL B 362 0.57 -7.52 -6.76
C VAL B 362 1.29 -7.21 -8.07
N PRO B 363 1.45 -8.22 -8.93
CA PRO B 363 2.12 -7.97 -10.21
C PRO B 363 1.28 -7.09 -11.10
N ARG B 364 1.92 -6.23 -11.89
CA ARG B 364 1.24 -5.52 -12.97
C ARG B 364 1.52 -6.22 -14.29
N TYR B 365 0.46 -6.58 -15.00
CA TYR B 365 0.56 -7.23 -16.29
C TYR B 365 0.23 -6.21 -17.36
N TYR B 366 1.22 -5.86 -18.16
CA TYR B 366 1.02 -4.80 -19.14
C TYR B 366 0.48 -5.44 -20.40
N GLU B 367 -0.79 -5.14 -20.66
CA GLU B 367 -1.60 -5.91 -21.60
C GLU B 367 -1.15 -5.72 -23.04
N GLU B 368 -0.48 -4.61 -23.31
CA GLU B 368 0.03 -4.35 -24.64
C GLU B 368 1.43 -3.75 -24.61
N1 PLP C . -0.45 -18.59 10.83
C2 PLP C . -1.13 -18.39 9.72
C2A PLP C . -1.69 -19.50 8.89
C3 PLP C . -1.35 -17.04 9.24
O3 PLP C . -2.03 -16.78 8.16
C4 PLP C . -0.81 -15.95 10.04
C4A PLP C . -0.99 -14.56 9.57
C5 PLP C . -0.07 -16.29 11.24
C6 PLP C . 0.05 -17.62 11.57
C5A PLP C . 0.46 -15.16 12.10
O4P PLP C . -0.62 -14.51 12.75
P PLP C . -0.36 -13.32 13.76
O1P PLP C . 0.21 -12.31 12.95
O2P PLP C . 0.54 -13.77 14.74
O3P PLP C . -1.57 -12.94 14.36
N1 PLP D . -1.06 19.00 -10.03
C2 PLP D . -0.61 18.87 -8.81
C2A PLP D . 0.23 19.90 -8.12
C3 PLP D . -0.91 17.67 -8.05
O3 PLP D . -0.49 17.50 -6.82
C4 PLP D . -1.72 16.65 -8.71
C4A PLP D . -2.02 15.40 -7.98
C5 PLP D . -2.16 16.90 -10.08
C6 PLP D . -1.82 18.10 -10.65
C5A PLP D . -3.04 15.89 -10.77
O4P PLP D . -4.32 15.86 -10.15
P PLP D . -5.48 14.92 -10.69
O1P PLP D . -5.62 15.16 -12.07
O2P PLP D . -6.67 15.22 -10.01
O3P PLP D . -4.97 13.62 -10.45
#